data_2RB8
# 
_entry.id   2RB8 
# 
_audit_conform.dict_name       mmcif_pdbx.dic 
_audit_conform.dict_version    5.377 
_audit_conform.dict_location   http://mmcif.pdb.org/dictionaries/ascii/mmcif_pdbx.dic 
# 
loop_
_database_2.database_id 
_database_2.database_code 
_database_2.pdbx_database_accession 
_database_2.pdbx_DOI 
PDB   2RB8         pdb_00002rb8 10.2210/pdb2rb8/pdb 
RCSB  RCSB044650   ?            ?                   
WWPDB D_1000044650 ?            ?                   
# 
_pdbx_database_status.status_code                     REL 
_pdbx_database_status.entry_id                        2RB8 
_pdbx_database_status.recvd_initial_deposition_date   2007-09-18 
_pdbx_database_status.deposit_site                    RCSB 
_pdbx_database_status.process_site                    RCSB 
_pdbx_database_status.status_code_sf                  REL 
_pdbx_database_status.status_code_mr                  ? 
_pdbx_database_status.SG_entry                        ? 
_pdbx_database_status.pdb_format_compatible           Y 
_pdbx_database_status.status_code_cs                  ? 
_pdbx_database_status.status_code_nmr_data            ? 
_pdbx_database_status.methods_development_category    ? 
# 
loop_
_audit_author.name 
_audit_author.pdbx_ordinal 
'Hu, X.'      1 
'Wang, H.'    2 
'Ke, H.'      3 
'Kuhlman, B.' 4 
# 
_citation.id                        primary 
_citation.title                     'High-resolution design of a protein loop.' 
_citation.journal_abbrev            Proc.Natl.Acad.Sci.Usa 
_citation.journal_volume            104 
_citation.page_first                17668 
_citation.page_last                 17673 
_citation.year                      2007 
_citation.journal_id_ASTM           PNASA6 
_citation.country                   US 
_citation.journal_id_ISSN           0027-8424 
_citation.journal_id_CSD            0040 
_citation.book_publisher            ? 
_citation.pdbx_database_id_PubMed   17971437 
_citation.pdbx_database_id_DOI      10.1073/pnas.0707977104 
# 
loop_
_citation_author.citation_id 
_citation_author.name 
_citation_author.ordinal 
_citation_author.identifier_ORCID 
primary 'Hu, X.'      1 ? 
primary 'Wang, H.'    2 ? 
primary 'Ke, H.'      3 ? 
primary 'Kuhlman, B.' 4 ? 
# 
_cell.entry_id           2RB8 
_cell.length_a           62.781 
_cell.length_b           62.781 
_cell.length_c           53.793 
_cell.angle_alpha        90.00 
_cell.angle_beta         90.00 
_cell.angle_gamma        120.00 
_cell.Z_PDB              6 
_cell.pdbx_unique_axis   ? 
_cell.length_a_esd       ? 
_cell.length_b_esd       ? 
_cell.length_c_esd       ? 
_cell.angle_alpha_esd    ? 
_cell.angle_beta_esd     ? 
_cell.angle_gamma_esd    ? 
# 
_symmetry.entry_id                         2RB8 
_symmetry.space_group_name_H-M             'P 32 2 1' 
_symmetry.pdbx_full_space_group_name_H-M   ? 
_symmetry.cell_setting                     ? 
_symmetry.Int_Tables_number                154 
_symmetry.space_group_name_Hall            ? 
# 
loop_
_entity.id 
_entity.type 
_entity.src_method 
_entity.pdbx_description 
_entity.formula_weight 
_entity.pdbx_number_of_molecules 
_entity.pdbx_ec 
_entity.pdbx_mutation 
_entity.pdbx_fragment 
_entity.details 
1 polymer man Tenascin 11617.773 1  ? 'M24F, P25K, S27L, Q28A, P29E, V30I, F33I' 'unp residues 802-896' ? 
2 water   nat water    18.015    78 ? ?                                          ?                      ? 
# 
_entity_name_com.entity_id   1 
_entity_name_com.name        
;TN, Tenascin-C, TN-C, Hexabrachion, Cytotactin, Neuronectin, GMEM, JI, Myotendinous antigen, Glioma- associated-extracellular matrix antigen, GP 150-225
;
# 
_entity_poly.entity_id                      1 
_entity_poly.type                           'polypeptide(L)' 
_entity_poly.nstd_linkage                   no 
_entity_poly.nstd_monomer                   no 
_entity_poly.pdbx_seq_one_letter_code       
;MRLDAPSQIEVKDVTDTTALITWMPPSQPVDGFELTYGIKDVPGDRTTIDLTEDENQYSIGNLKPDTEYEVSLISRRGDM
SSNPAKETFTTGLAAALEHHHHHH
;
_entity_poly.pdbx_seq_one_letter_code_can   
;MRLDAPSQIEVKDVTDTTALITWMPPSQPVDGFELTYGIKDVPGDRTTIDLTEDENQYSIGNLKPDTEYEVSLISRRGDM
SSNPAKETFTTGLAAALEHHHHHH
;
_entity_poly.pdbx_strand_id                 A 
_entity_poly.pdbx_target_identifier         ? 
# 
loop_
_entity_poly_seq.entity_id 
_entity_poly_seq.num 
_entity_poly_seq.mon_id 
_entity_poly_seq.hetero 
1 1   MET n 
1 2   ARG n 
1 3   LEU n 
1 4   ASP n 
1 5   ALA n 
1 6   PRO n 
1 7   SER n 
1 8   GLN n 
1 9   ILE n 
1 10  GLU n 
1 11  VAL n 
1 12  LYS n 
1 13  ASP n 
1 14  VAL n 
1 15  THR n 
1 16  ASP n 
1 17  THR n 
1 18  THR n 
1 19  ALA n 
1 20  LEU n 
1 21  ILE n 
1 22  THR n 
1 23  TRP n 
1 24  MET n 
1 25  PRO n 
1 26  PRO n 
1 27  SER n 
1 28  GLN n 
1 29  PRO n 
1 30  VAL n 
1 31  ASP n 
1 32  GLY n 
1 33  PHE n 
1 34  GLU n 
1 35  LEU n 
1 36  THR n 
1 37  TYR n 
1 38  GLY n 
1 39  ILE n 
1 40  LYS n 
1 41  ASP n 
1 42  VAL n 
1 43  PRO n 
1 44  GLY n 
1 45  ASP n 
1 46  ARG n 
1 47  THR n 
1 48  THR n 
1 49  ILE n 
1 50  ASP n 
1 51  LEU n 
1 52  THR n 
1 53  GLU n 
1 54  ASP n 
1 55  GLU n 
1 56  ASN n 
1 57  GLN n 
1 58  TYR n 
1 59  SER n 
1 60  ILE n 
1 61  GLY n 
1 62  ASN n 
1 63  LEU n 
1 64  LYS n 
1 65  PRO n 
1 66  ASP n 
1 67  THR n 
1 68  GLU n 
1 69  TYR n 
1 70  GLU n 
1 71  VAL n 
1 72  SER n 
1 73  LEU n 
1 74  ILE n 
1 75  SER n 
1 76  ARG n 
1 77  ARG n 
1 78  GLY n 
1 79  ASP n 
1 80  MET n 
1 81  SER n 
1 82  SER n 
1 83  ASN n 
1 84  PRO n 
1 85  ALA n 
1 86  LYS n 
1 87  GLU n 
1 88  THR n 
1 89  PHE n 
1 90  THR n 
1 91  THR n 
1 92  GLY n 
1 93  LEU n 
1 94  ALA n 
1 95  ALA n 
1 96  ALA n 
1 97  LEU n 
1 98  GLU n 
1 99  HIS n 
1 100 HIS n 
1 101 HIS n 
1 102 HIS n 
1 103 HIS n 
1 104 HIS n 
# 
_entity_src_gen.entity_id                          1 
_entity_src_gen.pdbx_src_id                        1 
_entity_src_gen.pdbx_alt_source_flag               sample 
_entity_src_gen.pdbx_seq_type                      ? 
_entity_src_gen.pdbx_beg_seq_num                   ? 
_entity_src_gen.pdbx_end_seq_num                   ? 
_entity_src_gen.gene_src_common_name               human 
_entity_src_gen.gene_src_genus                     Homo 
_entity_src_gen.pdbx_gene_src_gene                 'TNC, HXB' 
_entity_src_gen.gene_src_species                   ? 
_entity_src_gen.gene_src_strain                    ? 
_entity_src_gen.gene_src_tissue                    ? 
_entity_src_gen.gene_src_tissue_fraction           ? 
_entity_src_gen.gene_src_details                   ? 
_entity_src_gen.pdbx_gene_src_fragment             ? 
_entity_src_gen.pdbx_gene_src_scientific_name      'Homo sapiens' 
_entity_src_gen.pdbx_gene_src_ncbi_taxonomy_id     9606 
_entity_src_gen.pdbx_gene_src_variant              ? 
_entity_src_gen.pdbx_gene_src_cell_line            ? 
_entity_src_gen.pdbx_gene_src_atcc                 ? 
_entity_src_gen.pdbx_gene_src_organ                ? 
_entity_src_gen.pdbx_gene_src_organelle            ? 
_entity_src_gen.pdbx_gene_src_cell                 ? 
_entity_src_gen.pdbx_gene_src_cellular_location    ? 
_entity_src_gen.host_org_common_name               ? 
_entity_src_gen.pdbx_host_org_scientific_name      'Escherichia coli' 
_entity_src_gen.pdbx_host_org_ncbi_taxonomy_id     562 
_entity_src_gen.host_org_genus                     Escherichia 
_entity_src_gen.pdbx_host_org_gene                 ? 
_entity_src_gen.pdbx_host_org_organ                ? 
_entity_src_gen.host_org_species                   ? 
_entity_src_gen.pdbx_host_org_tissue               ? 
_entity_src_gen.pdbx_host_org_tissue_fraction      ? 
_entity_src_gen.pdbx_host_org_strain               ? 
_entity_src_gen.pdbx_host_org_variant              ? 
_entity_src_gen.pdbx_host_org_cell_line            ? 
_entity_src_gen.pdbx_host_org_atcc                 ? 
_entity_src_gen.pdbx_host_org_culture_collection   ? 
_entity_src_gen.pdbx_host_org_cell                 ? 
_entity_src_gen.pdbx_host_org_organelle            ? 
_entity_src_gen.pdbx_host_org_cellular_location    ? 
_entity_src_gen.pdbx_host_org_vector_type          plasmid 
_entity_src_gen.pdbx_host_org_vector               ? 
_entity_src_gen.host_org_details                   ? 
_entity_src_gen.expression_system_id               ? 
_entity_src_gen.plasmid_name                       pET21b 
_entity_src_gen.plasmid_details                    ? 
_entity_src_gen.pdbx_description                   ? 
# 
_struct_ref.id                         1 
_struct_ref.db_name                    UNP 
_struct_ref.db_code                    TENA_HUMAN 
_struct_ref.pdbx_db_accession          P24821 
_struct_ref.entity_id                  1 
_struct_ref.pdbx_seq_one_letter_code   
;RLDAPSQIEVKDVTDTTALITWFKPLAEIDGIELTYGIKDVPGDRTTIDLTEDENQYSIGNLKPDTEYEVSLISRRGDMS
SNPAKETFTTGL
;
_struct_ref.pdbx_align_begin           802 
_struct_ref.pdbx_db_isoform            ? 
# 
_struct_ref_seq.align_id                      1 
_struct_ref_seq.ref_id                        1 
_struct_ref_seq.pdbx_PDB_id_code              2RB8 
_struct_ref_seq.pdbx_strand_id                A 
_struct_ref_seq.seq_align_beg                 2 
_struct_ref_seq.pdbx_seq_align_beg_ins_code   ? 
_struct_ref_seq.seq_align_end                 93 
_struct_ref_seq.pdbx_seq_align_end_ins_code   ? 
_struct_ref_seq.pdbx_db_accession             P24821 
_struct_ref_seq.db_align_beg                  802 
_struct_ref_seq.pdbx_db_align_beg_ins_code    ? 
_struct_ref_seq.db_align_end                  893 
_struct_ref_seq.pdbx_db_align_end_ins_code    ? 
_struct_ref_seq.pdbx_auth_seq_align_beg       802 
_struct_ref_seq.pdbx_auth_seq_align_end       893 
# 
loop_
_struct_ref_seq_dif.align_id 
_struct_ref_seq_dif.pdbx_pdb_id_code 
_struct_ref_seq_dif.mon_id 
_struct_ref_seq_dif.pdbx_pdb_strand_id 
_struct_ref_seq_dif.seq_num 
_struct_ref_seq_dif.pdbx_pdb_ins_code 
_struct_ref_seq_dif.pdbx_seq_db_name 
_struct_ref_seq_dif.pdbx_seq_db_accession_code 
_struct_ref_seq_dif.db_mon_id 
_struct_ref_seq_dif.pdbx_seq_db_seq_num 
_struct_ref_seq_dif.details 
_struct_ref_seq_dif.pdbx_auth_seq_num 
_struct_ref_seq_dif.pdbx_ordinal 
1 2RB8 MET A 1   ? UNP P24821 ?   ?   'initiating methionine' 801 1  
1 2RB8 MET A 24  ? UNP P24821 PHE 824 'engineered mutation'   824 2  
1 2RB8 PRO A 25  ? UNP P24821 LYS 825 'engineered mutation'   825 3  
1 2RB8 SER A 27  ? UNP P24821 LEU 827 'engineered mutation'   827 4  
1 2RB8 GLN A 28  ? UNP P24821 ALA 828 'engineered mutation'   828 5  
1 2RB8 PRO A 29  ? UNP P24821 GLU 829 'engineered mutation'   829 6  
1 2RB8 VAL A 30  ? UNP P24821 ILE 830 'engineered mutation'   830 7  
1 2RB8 PHE A 33  ? UNP P24821 ILE 833 'engineered mutation'   833 8  
1 2RB8 ALA A 94  ? UNP P24821 ?   ?   'expression tag'        894 9  
1 2RB8 ALA A 95  ? UNP P24821 ?   ?   'expression tag'        895 10 
1 2RB8 ALA A 96  ? UNP P24821 ?   ?   'expression tag'        896 11 
1 2RB8 LEU A 97  ? UNP P24821 ?   ?   'expression tag'        897 12 
1 2RB8 GLU A 98  ? UNP P24821 ?   ?   'expression tag'        898 13 
1 2RB8 HIS A 99  ? UNP P24821 ?   ?   'expression tag'        899 14 
1 2RB8 HIS A 100 ? UNP P24821 ?   ?   'expression tag'        900 15 
1 2RB8 HIS A 101 ? UNP P24821 ?   ?   'expression tag'        901 16 
1 2RB8 HIS A 102 ? UNP P24821 ?   ?   'expression tag'        902 17 
1 2RB8 HIS A 103 ? UNP P24821 ?   ?   'expression tag'        903 18 
1 2RB8 HIS A 104 ? UNP P24821 ?   ?   'expression tag'        904 19 
# 
loop_
_chem_comp.id 
_chem_comp.type 
_chem_comp.mon_nstd_flag 
_chem_comp.name 
_chem_comp.pdbx_synonyms 
_chem_comp.formula 
_chem_comp.formula_weight 
ALA 'L-peptide linking' y ALANINE         ? 'C3 H7 N O2'     89.093  
ARG 'L-peptide linking' y ARGININE        ? 'C6 H15 N4 O2 1' 175.209 
ASN 'L-peptide linking' y ASPARAGINE      ? 'C4 H8 N2 O3'    132.118 
ASP 'L-peptide linking' y 'ASPARTIC ACID' ? 'C4 H7 N O4'     133.103 
GLN 'L-peptide linking' y GLUTAMINE       ? 'C5 H10 N2 O3'   146.144 
GLU 'L-peptide linking' y 'GLUTAMIC ACID' ? 'C5 H9 N O4'     147.129 
GLY 'peptide linking'   y GLYCINE         ? 'C2 H5 N O2'     75.067  
HIS 'L-peptide linking' y HISTIDINE       ? 'C6 H10 N3 O2 1' 156.162 
HOH non-polymer         . WATER           ? 'H2 O'           18.015  
ILE 'L-peptide linking' y ISOLEUCINE      ? 'C6 H13 N O2'    131.173 
LEU 'L-peptide linking' y LEUCINE         ? 'C6 H13 N O2'    131.173 
LYS 'L-peptide linking' y LYSINE          ? 'C6 H15 N2 O2 1' 147.195 
MET 'L-peptide linking' y METHIONINE      ? 'C5 H11 N O2 S'  149.211 
PHE 'L-peptide linking' y PHENYLALANINE   ? 'C9 H11 N O2'    165.189 
PRO 'L-peptide linking' y PROLINE         ? 'C5 H9 N O2'     115.130 
SER 'L-peptide linking' y SERINE          ? 'C3 H7 N O3'     105.093 
THR 'L-peptide linking' y THREONINE       ? 'C4 H9 N O3'     119.119 
TRP 'L-peptide linking' y TRYPTOPHAN      ? 'C11 H12 N2 O2'  204.225 
TYR 'L-peptide linking' y TYROSINE        ? 'C9 H11 N O3'    181.189 
VAL 'L-peptide linking' y VALINE          ? 'C5 H11 N O2'    117.146 
# 
_exptl.entry_id          2RB8 
_exptl.method            'X-RAY DIFFRACTION' 
_exptl.crystals_number   1 
# 
_exptl_crystal.id                    1 
_exptl_crystal.density_meas          ? 
_exptl_crystal.density_Matthews      2.62 
_exptl_crystal.density_percent_sol   53.02 
_exptl_crystal.description           ? 
_exptl_crystal.F_000                 ? 
_exptl_crystal.preparation           ? 
# 
_exptl_crystal_grow.crystal_id      1 
_exptl_crystal_grow.method          'VAPOR DIFFUSION, HANGING DROP' 
_exptl_crystal_grow.temp            298 
_exptl_crystal_grow.temp_details    ? 
_exptl_crystal_grow.pH              7.5 
_exptl_crystal_grow.pdbx_details    '3.8M sodium formate, 5% glycerol, pH 7.5, VAPOR DIFFUSION, HANGING DROP, temperature 298K' 
_exptl_crystal_grow.pdbx_pH_range   . 
# 
_diffrn.id                     1 
_diffrn.ambient_temp           100 
_diffrn.ambient_temp_details   ? 
_diffrn.crystal_id             1 
# 
_diffrn_detector.diffrn_id              1 
_diffrn_detector.detector               CCD 
_diffrn_detector.type                   'ADSC QUANTUM 315' 
_diffrn_detector.pdbx_collection_date   2006-11-09 
_diffrn_detector.details                ? 
# 
_diffrn_radiation.diffrn_id                        1 
_diffrn_radiation.wavelength_id                    1 
_diffrn_radiation.pdbx_monochromatic_or_laue_m_l   M 
_diffrn_radiation.monochromator                    ? 
_diffrn_radiation.pdbx_diffrn_protocol             'SINGLE WAVELENGTH' 
_diffrn_radiation.pdbx_scattering_type             x-ray 
# 
_diffrn_radiation_wavelength.id           1 
_diffrn_radiation_wavelength.wavelength   1.1 
_diffrn_radiation_wavelength.wt           1.0 
# 
_diffrn_source.diffrn_id                   1 
_diffrn_source.source                      SYNCHROTRON 
_diffrn_source.type                        'NSLS BEAMLINE X29A' 
_diffrn_source.pdbx_synchrotron_site       NSLS 
_diffrn_source.pdbx_synchrotron_beamline   X29A 
_diffrn_source.pdbx_wavelength             ? 
_diffrn_source.pdbx_wavelength_list        1.1 
# 
_reflns.entry_id                     2RB8 
_reflns.observed_criterion_sigma_F   0 
_reflns.observed_criterion_sigma_I   0 
_reflns.d_resolution_high            1.45 
_reflns.d_resolution_low             30 
_reflns.number_all                   ? 
_reflns.number_obs                   19928 
_reflns.percent_possible_obs         90.0 
_reflns.pdbx_Rmerge_I_obs            0.065 
_reflns.pdbx_Rsym_value              ? 
_reflns.pdbx_netI_over_sigmaI        14.5 
_reflns.B_iso_Wilson_estimate        ? 
_reflns.pdbx_redundancy              10.2 
_reflns.R_free_details               ? 
_reflns.limit_h_max                  ? 
_reflns.limit_h_min                  ? 
_reflns.limit_k_max                  ? 
_reflns.limit_k_min                  ? 
_reflns.limit_l_max                  ? 
_reflns.limit_l_min                  ? 
_reflns.observed_criterion_F_max     ? 
_reflns.observed_criterion_F_min     ? 
_reflns.pdbx_chi_squared             ? 
_reflns.pdbx_scaling_rejects         ? 
_reflns.pdbx_diffrn_id               1 
_reflns.pdbx_ordinal                 1 
# 
_reflns_shell.d_res_high             1.45 
_reflns_shell.d_res_low              1.50 
_reflns_shell.percent_possible_all   33.9 
_reflns_shell.Rmerge_I_obs           0.195 
_reflns_shell.pdbx_Rsym_value        ? 
_reflns_shell.meanI_over_sigI_obs    3.0 
_reflns_shell.pdbx_redundancy        ? 
_reflns_shell.percent_possible_obs   ? 
_reflns_shell.number_unique_all      744 
_reflns_shell.number_measured_all    ? 
_reflns_shell.number_measured_obs    ? 
_reflns_shell.number_unique_obs      ? 
_reflns_shell.pdbx_chi_squared       ? 
_reflns_shell.pdbx_diffrn_id         ? 
_reflns_shell.pdbx_ordinal           1 
# 
_refine.entry_id                                 2RB8 
_refine.ls_d_res_high                            1.45 
_refine.ls_d_res_low                             30 
_refine.pdbx_ls_sigma_F                          0 
_refine.pdbx_ls_sigma_I                          0 
_refine.ls_number_reflns_all                     ? 
_refine.ls_number_reflns_obs                     19132 
_refine.ls_number_reflns_R_free                  1750 
_refine.ls_percent_reflns_obs                    ? 
_refine.ls_R_factor_all                          ? 
_refine.ls_R_factor_obs                          0.1702 
_refine.ls_R_factor_R_work                       ? 
_refine.ls_R_factor_R_free                       0.1958 
_refine.ls_redundancy_reflns_obs                 ? 
_refine.pdbx_data_cutoff_high_absF               ? 
_refine.pdbx_data_cutoff_low_absF                ? 
_refine.ls_number_parameters                     ? 
_refine.ls_number_restraints                     ? 
_refine.ls_percent_reflns_R_free                 ? 
_refine.ls_R_factor_R_free_error                 ? 
_refine.ls_R_factor_R_free_error_details         ? 
_refine.pdbx_method_to_determine_struct          'MOLECULAR REPLACEMENT' 
_refine.pdbx_starting_model                      'pdb entry 1ten' 
_refine.pdbx_ls_cross_valid_method               ? 
_refine.pdbx_R_Free_selection_details            random 
_refine.pdbx_stereochem_target_val_spec_case     ? 
_refine.pdbx_stereochemistry_target_values       'Engh & Huber' 
_refine.solvent_model_details                    ? 
_refine.solvent_model_param_bsol                 ? 
_refine.solvent_model_param_ksol                 ? 
_refine.occupancy_max                            ? 
_refine.occupancy_min                            ? 
_refine.pdbx_isotropic_thermal_model             isotropic 
_refine.B_iso_mean                               15.201 
_refine.aniso_B[1][1]                            ? 
_refine.aniso_B[1][2]                            ? 
_refine.aniso_B[1][3]                            ? 
_refine.aniso_B[2][2]                            ? 
_refine.aniso_B[2][3]                            ? 
_refine.aniso_B[3][3]                            ? 
_refine.details                                  
'The data in the structure factor file are twinned. Twinning operator= -h,-k,l; twinning fraction= 0.5' 
_refine.B_iso_min                                ? 
_refine.B_iso_max                                ? 
_refine.correlation_coeff_Fo_to_Fc               ? 
_refine.correlation_coeff_Fo_to_Fc_free          ? 
_refine.pdbx_solvent_vdw_probe_radii             ? 
_refine.pdbx_solvent_ion_probe_radii             ? 
_refine.pdbx_solvent_shrinkage_radii             ? 
_refine.overall_SU_R_Cruickshank_DPI             ? 
_refine.overall_SU_R_free                        ? 
_refine.overall_SU_ML                            ? 
_refine.overall_SU_B                             ? 
_refine.pdbx_overall_ESU_R_Free                  ? 
_refine.pdbx_data_cutoff_high_rms_absF           ? 
_refine.pdbx_overall_ESU_R                       ? 
_refine.ls_wR_factor_R_free                      ? 
_refine.ls_wR_factor_R_work                      ? 
_refine.overall_FOM_free_R_set                   ? 
_refine.overall_FOM_work_R_set                   ? 
_refine.pdbx_refine_id                           'X-RAY DIFFRACTION' 
_refine.pdbx_diffrn_id                           1 
_refine.pdbx_TLS_residual_ADP_flag               ? 
_refine.pdbx_overall_phase_error                 ? 
_refine.pdbx_overall_SU_R_free_Cruickshank_DPI   ? 
_refine.pdbx_overall_SU_R_Blow_DPI               ? 
_refine.pdbx_overall_SU_R_free_Blow_DPI          ? 
# 
_refine_hist.pdbx_refine_id                   'X-RAY DIFFRACTION' 
_refine_hist.cycle_id                         LAST 
_refine_hist.pdbx_number_atoms_protein        723 
_refine_hist.pdbx_number_atoms_nucleic_acid   0 
_refine_hist.pdbx_number_atoms_ligand         0 
_refine_hist.number_atoms_solvent             78 
_refine_hist.number_atoms_total               801 
_refine_hist.d_res_high                       1.45 
_refine_hist.d_res_low                        30 
# 
loop_
_refine_ls_restr.type 
_refine_ls_restr.dev_ideal 
_refine_ls_restr.dev_ideal_target 
_refine_ls_restr.weight 
_refine_ls_restr.number 
_refine_ls_restr.pdbx_refine_id 
_refine_ls_restr.pdbx_restraint_function 
c_bond_d    0.0055 ? ? ? 'X-RAY DIFFRACTION' ? 
c_angle_deg 1.379  ? ? ? 'X-RAY DIFFRACTION' ? 
# 
_struct.entry_id                  2RB8 
_struct.title                     'High resolution design of a protein loop' 
_struct.pdbx_model_details        ? 
_struct.pdbx_CASP_flag            ? 
_struct.pdbx_model_type_details   ? 
# 
_struct_keywords.entry_id        2RB8 
_struct_keywords.pdbx_keywords   'CELL ADHESION' 
_struct_keywords.text            
;Beta sheet, loop design, Alternative splicing, Cell adhesion, Coiled coil, EGF-like domain, Extracellular matrix, Glycoprotein, Phosphorylation, Polymorphism, Secreted
;
# 
loop_
_struct_asym.id 
_struct_asym.pdbx_blank_PDB_chainid_flag 
_struct_asym.pdbx_modified 
_struct_asym.entity_id 
_struct_asym.details 
A N N 1 ? 
B N N 2 ? 
# 
_struct_biol.id        1 
_struct_biol.details   ? 
# 
loop_
_struct_sheet.id 
_struct_sheet.type 
_struct_sheet.number_strands 
_struct_sheet.details 
A ? 3 ? 
B ? 4 ? 
C ? 4 ? 
# 
loop_
_struct_sheet_order.sheet_id 
_struct_sheet_order.range_id_1 
_struct_sheet_order.range_id_2 
_struct_sheet_order.offset 
_struct_sheet_order.sense 
A 1 2 ? anti-parallel 
A 2 3 ? anti-parallel 
B 1 2 ? anti-parallel 
B 2 3 ? anti-parallel 
B 3 4 ? anti-parallel 
C 1 2 ? anti-parallel 
C 2 3 ? anti-parallel 
C 3 4 ? anti-parallel 
# 
loop_
_struct_sheet_range.sheet_id 
_struct_sheet_range.id 
_struct_sheet_range.beg_label_comp_id 
_struct_sheet_range.beg_label_asym_id 
_struct_sheet_range.beg_label_seq_id 
_struct_sheet_range.pdbx_beg_PDB_ins_code 
_struct_sheet_range.end_label_comp_id 
_struct_sheet_range.end_label_asym_id 
_struct_sheet_range.end_label_seq_id 
_struct_sheet_range.pdbx_end_PDB_ins_code 
_struct_sheet_range.beg_auth_comp_id 
_struct_sheet_range.beg_auth_asym_id 
_struct_sheet_range.beg_auth_seq_id 
_struct_sheet_range.end_auth_comp_id 
_struct_sheet_range.end_auth_asym_id 
_struct_sheet_range.end_auth_seq_id 
A 1 SER A 7  ? LYS A 12 ? SER A 807 LYS A 812 
A 2 ALA A 19 ? MET A 24 ? ALA A 819 MET A 824 
A 3 GLN A 57 ? ILE A 60 ? GLN A 857 ILE A 860 
B 1 THR A 47 ? THR A 52 ? THR A 847 THR A 852 
B 2 GLY A 32 ? ILE A 39 ? GLY A 832 ILE A 839 
B 3 GLU A 68 ? ARG A 77 ? GLU A 868 ARG A 877 
B 4 MET A 80 ? SER A 81 ? MET A 880 SER A 881 
C 1 THR A 47 ? THR A 52 ? THR A 847 THR A 852 
C 2 GLY A 32 ? ILE A 39 ? GLY A 832 ILE A 839 
C 3 GLU A 68 ? ARG A 77 ? GLU A 868 ARG A 877 
C 4 ALA A 85 ? THR A 90 ? ALA A 885 THR A 890 
# 
loop_
_pdbx_struct_sheet_hbond.sheet_id 
_pdbx_struct_sheet_hbond.range_id_1 
_pdbx_struct_sheet_hbond.range_id_2 
_pdbx_struct_sheet_hbond.range_1_label_atom_id 
_pdbx_struct_sheet_hbond.range_1_label_comp_id 
_pdbx_struct_sheet_hbond.range_1_label_asym_id 
_pdbx_struct_sheet_hbond.range_1_label_seq_id 
_pdbx_struct_sheet_hbond.range_1_PDB_ins_code 
_pdbx_struct_sheet_hbond.range_1_auth_atom_id 
_pdbx_struct_sheet_hbond.range_1_auth_comp_id 
_pdbx_struct_sheet_hbond.range_1_auth_asym_id 
_pdbx_struct_sheet_hbond.range_1_auth_seq_id 
_pdbx_struct_sheet_hbond.range_2_label_atom_id 
_pdbx_struct_sheet_hbond.range_2_label_comp_id 
_pdbx_struct_sheet_hbond.range_2_label_asym_id 
_pdbx_struct_sheet_hbond.range_2_label_seq_id 
_pdbx_struct_sheet_hbond.range_2_PDB_ins_code 
_pdbx_struct_sheet_hbond.range_2_auth_atom_id 
_pdbx_struct_sheet_hbond.range_2_auth_comp_id 
_pdbx_struct_sheet_hbond.range_2_auth_asym_id 
_pdbx_struct_sheet_hbond.range_2_auth_seq_id 
A 1 2 N LYS A 12 ? N LYS A 812 O LEU A 20 ? O LEU A 820 
A 2 3 N ILE A 21 ? N ILE A 821 O TYR A 58 ? O TYR A 858 
B 1 2 O ILE A 49 ? O ILE A 849 N LEU A 35 ? N LEU A 835 
B 2 3 N THR A 36 ? N THR A 836 O SER A 72 ? O SER A 872 
B 3 4 N ARG A 77 ? N ARG A 877 O MET A 80 ? O MET A 880 
C 1 2 O ILE A 49 ? O ILE A 849 N LEU A 35 ? N LEU A 835 
C 2 3 N THR A 36 ? N THR A 836 O SER A 72 ? O SER A 872 
C 3 4 N TYR A 69 ? N TYR A 869 O PHE A 89 ? O PHE A 889 
# 
_atom_sites.entry_id                    2RB8 
_atom_sites.fract_transf_matrix[1][1]   -0.00035444 
_atom_sites.fract_transf_matrix[1][2]   0.01761342 
_atom_sites.fract_transf_matrix[1][3]   -0.00528292 
_atom_sites.fract_transf_matrix[2][1]   -0.01402974 
_atom_sites.fract_transf_matrix[2][2]   0.00629356 
_atom_sites.fract_transf_matrix[2][3]   -0.01009257 
_atom_sites.fract_transf_matrix[3][1]   -0.00917027 
_atom_sites.fract_transf_matrix[3][2]   0.00447617 
_atom_sites.fract_transf_matrix[3][3]   0.01553892 
_atom_sites.fract_transf_vector[1]      0.408157 
_atom_sites.fract_transf_vector[2]      -0.240142 
_atom_sites.fract_transf_vector[3]      0.486602 
# 
loop_
_atom_type.symbol 
C 
N 
O 
S 
# 
loop_
_atom_site.group_PDB 
_atom_site.id 
_atom_site.type_symbol 
_atom_site.label_atom_id 
_atom_site.label_alt_id 
_atom_site.label_comp_id 
_atom_site.label_asym_id 
_atom_site.label_entity_id 
_atom_site.label_seq_id 
_atom_site.pdbx_PDB_ins_code 
_atom_site.Cartn_x 
_atom_site.Cartn_y 
_atom_site.Cartn_z 
_atom_site.occupancy 
_atom_site.B_iso_or_equiv 
_atom_site.pdbx_formal_charge 
_atom_site.auth_seq_id 
_atom_site.auth_comp_id 
_atom_site.auth_asym_id 
_atom_site.auth_atom_id 
_atom_site.pdbx_PDB_model_num 
ATOM   1   N N   . MET A 1 1  ? -3.915  -23.883 0.970   1.00 17.35 ? 801 MET A N   1 
ATOM   2   C CA  . MET A 1 1  ? -4.580  -22.722 0.310   1.00 16.79 ? 801 MET A CA  1 
ATOM   3   C C   . MET A 1 1  ? -3.524  -21.667 0.047   1.00 16.43 ? 801 MET A C   1 
ATOM   4   O O   . MET A 1 1  ? -2.756  -21.317 0.940   1.00 17.09 ? 801 MET A O   1 
ATOM   5   C CB  . MET A 1 1  ? -5.653  -22.144 1.226   1.00 16.80 ? 801 MET A CB  1 
ATOM   6   C CG  . MET A 1 1  ? -6.456  -21.031 0.603   1.00 18.66 ? 801 MET A CG  1 
ATOM   7   S SD  . MET A 1 1  ? -7.666  -20.364 1.745   1.00 21.68 ? 801 MET A SD  1 
ATOM   8   C CE  . MET A 1 1  ? -8.456  -21.866 2.311   1.00 18.69 ? 801 MET A CE  1 
ATOM   9   N N   . ARG A 1 2  ? -3.467  -21.147 -1.167  1.00 16.52 ? 802 ARG A N   1 
ATOM   10  C CA  . ARG A 1 2  ? -2.453  -20.145 -1.420  1.00 17.09 ? 802 ARG A CA  1 
ATOM   11  C C   . ARG A 1 2  ? -2.784  -18.798 -0.788  1.00 16.36 ? 802 ARG A C   1 
ATOM   12  O O   . ARG A 1 2  ? -3.926  -18.538 -0.385  1.00 15.12 ? 802 ARG A O   1 
ATOM   13  C CB  . ARG A 1 2  ? -2.186  -20.007 -2.924  1.00 18.69 ? 802 ARG A CB  1 
ATOM   14  C CG  . ARG A 1 2  ? -3.395  -20.050 -3.834  1.00 19.51 ? 802 ARG A CG  1 
ATOM   15  C CD  . ARG A 1 2  ? -2.931  -20.284 -5.276  1.00 18.59 ? 802 ARG A CD  1 
ATOM   16  N NE  . ARG A 1 2  ? -1.922  -19.308 -5.682  1.00 18.86 ? 802 ARG A NE  1 
ATOM   17  C CZ  . ARG A 1 2  ? -0.843  -19.594 -6.406  1.00 17.76 ? 802 ARG A CZ  1 
ATOM   18  N NH1 . ARG A 1 2  ? -0.621  -20.833 -6.813  1.00 18.88 ? 802 ARG A NH1 1 
ATOM   19  N NH2 . ARG A 1 2  ? 0.027   -18.643 -6.705  1.00 16.73 ? 802 ARG A NH2 1 
ATOM   20  N N   . LEU A 1 3  ? -1.753  -17.971 -0.655  1.00 14.08 ? 803 LEU A N   1 
ATOM   21  C CA  . LEU A 1 3  ? -1.892  -16.632 -0.105  1.00 12.48 ? 803 LEU A CA  1 
ATOM   22  C C   . LEU A 1 3  ? -1.023  -15.725 -0.975  1.00 11.30 ? 803 LEU A C   1 
ATOM   23  O O   . LEU A 1 3  ? 0.116   -15.395 -0.630  1.00 11.04 ? 803 LEU A O   1 
ATOM   24  C CB  . LEU A 1 3  ? -1.438  -16.579 1.358   1.00 12.00 ? 803 LEU A CB  1 
ATOM   25  C CG  . LEU A 1 3  ? -1.567  -15.210 2.042   1.00 13.13 ? 803 LEU A CG  1 
ATOM   26  C CD1 . LEU A 1 3  ? -2.994  -14.687 1.921   1.00 13.61 ? 803 LEU A CD1 1 
ATOM   27  C CD2 . LEU A 1 3  ? -1.163  -15.329 3.504   1.00 13.72 ? 803 LEU A CD2 1 
ATOM   28  N N   . ASP A 1 4  ? -1.570  -15.352 -2.124  1.00 10.16 ? 804 ASP A N   1 
ATOM   29  C CA  . ASP A 1 4  ? -0.880  -14.482 -3.067  1.00 10.45 ? 804 ASP A CA  1 
ATOM   30  C C   . ASP A 1 4  ? -0.954  -13.032 -2.614  1.00 9.38  ? 804 ASP A C   1 
ATOM   31  O O   . ASP A 1 4  ? -1.823  -12.654 -1.828  1.00 10.47 ? 804 ASP A O   1 
ATOM   32  C CB  . ASP A 1 4  ? -1.517  -14.606 -4.449  1.00 9.82  ? 804 ASP A CB  1 
ATOM   33  C CG  . ASP A 1 4  ? -1.282  -15.958 -5.082  1.00 11.22 ? 804 ASP A CG  1 
ATOM   34  O OD1 . ASP A 1 4  ? -2.166  -16.418 -5.832  1.00 12.32 ? 804 ASP A OD1 1 
ATOM   35  O OD2 . ASP A 1 4  ? -0.212  -16.552 -4.847  1.00 12.36 ? 804 ASP A OD2 1 
ATOM   36  N N   . ALA A 1 5  ? -0.035  -12.219 -3.108  1.00 8.97  ? 805 ALA A N   1 
ATOM   37  C CA  . ALA A 1 5  ? -0.041  -10.811 -2.761  1.00 8.43  ? 805 ALA A CA  1 
ATOM   38  C C   . ALA A 1 5  ? -1.032  -10.125 -3.702  1.00 9.15  ? 805 ALA A C   1 
ATOM   39  O O   . ALA A 1 5  ? -1.444  -10.706 -4.700  1.00 9.58  ? 805 ALA A O   1 
ATOM   40  C CB  . ALA A 1 5  ? 1.351   -10.221 -2.954  1.00 8.05  ? 805 ALA A CB  1 
ATOM   41  N N   . PRO A 1 6  ? -1.456  -8.894  -3.375  1.00 9.69  ? 806 PRO A N   1 
ATOM   42  C CA  . PRO A 1 6  ? -2.392  -8.199  -4.264  1.00 9.72  ? 806 PRO A CA  1 
ATOM   43  C C   . PRO A 1 6  ? -1.635  -7.922  -5.570  1.00 10.47 ? 806 PRO A C   1 
ATOM   44  O O   . PRO A 1 6  ? -0.418  -8.119  -5.643  1.00 10.48 ? 806 PRO A O   1 
ATOM   45  C CB  . PRO A 1 6  ? -2.700  -6.908  -3.504  1.00 10.61 ? 806 PRO A CB  1 
ATOM   46  C CG  . PRO A 1 6  ? -2.491  -7.291  -2.062  1.00 11.07 ? 806 PRO A CG  1 
ATOM   47  C CD  . PRO A 1 6  ? -1.261  -8.151  -2.116  1.00 8.90  ? 806 PRO A CD  1 
ATOM   48  N N   . SER A 1 7  ? -2.330  -7.476  -6.606  1.00 9.94  ? 807 SER A N   1 
ATOM   49  C CA  . SER A 1 7  ? -1.634  -7.183  -7.850  1.00 10.10 ? 807 SER A CA  1 
ATOM   50  C C   . SER A 1 7  ? -2.144  -5.874  -8.410  1.00 12.23 ? 807 SER A C   1 
ATOM   51  O O   . SER A 1 7  ? -3.121  -5.322  -7.905  1.00 13.48 ? 807 SER A O   1 
ATOM   52  C CB  . SER A 1 7  ? -1.844  -8.306  -8.872  1.00 9.26  ? 807 SER A CB  1 
ATOM   53  O OG  . SER A 1 7  ? -3.203  -8.416  -9.244  1.00 8.58  ? 807 SER A OG  1 
ATOM   54  N N   . GLN A 1 8  ? -1.477  -5.372  -9.441  1.00 13.16 ? 808 GLN A N   1 
ATOM   55  C CA  . GLN A 1 8  ? -1.905  -4.130  -10.070 1.00 14.81 ? 808 GLN A CA  1 
ATOM   56  C C   . GLN A 1 8  ? -1.958  -2.987  -9.073  1.00 14.29 ? 808 GLN A C   1 
ATOM   57  O O   . GLN A 1 8  ? -2.969  -2.297  -8.979  1.00 14.60 ? 808 GLN A O   1 
ATOM   58  C CB  . GLN A 1 8  ? -3.297  -4.304  -10.680 1.00 16.32 ? 808 GLN A CB  1 
ATOM   59  C CG  . GLN A 1 8  ? -3.431  -5.496  -11.591 1.00 24.08 ? 808 GLN A CG  1 
ATOM   60  C CD  . GLN A 1 8  ? -2.561  -5.377  -12.818 1.00 27.14 ? 808 GLN A CD  1 
ATOM   61  O OE1 . GLN A 1 8  ? -1.335  -5.280  -12.717 1.00 29.18 ? 808 GLN A OE1 1 
ATOM   62  N NE2 . GLN A 1 8  ? -3.190  -5.378  -13.993 1.00 29.28 ? 808 GLN A NE2 1 
ATOM   63  N N   . ILE A 1 9  ? -0.889  -2.795  -8.309  1.00 15.75 ? 809 ILE A N   1 
ATOM   64  C CA  . ILE A 1 9  ? -0.878  -1.695  -7.357  1.00 16.05 ? 809 ILE A CA  1 
ATOM   65  C C   . ILE A 1 9  ? -0.688  -0.398  -8.139  1.00 17.02 ? 809 ILE A C   1 
ATOM   66  O O   . ILE A 1 9  ? 0.309   -0.218  -8.848  1.00 16.42 ? 809 ILE A O   1 
ATOM   67  C CB  . ILE A 1 9  ? 0.253   -1.843  -6.313  1.00 18.10 ? 809 ILE A CB  1 
ATOM   68  C CG1 . ILE A 1 9  ? -0.052  -3.025  -5.388  1.00 19.13 ? 809 ILE A CG1 1 
ATOM   69  C CG2 . ILE A 1 9  ? 0.387   -0.558  -5.495  1.00 17.19 ? 809 ILE A CG2 1 
ATOM   70  C CD1 . ILE A 1 9  ? 0.907   -3.145  -4.221  1.00 24.83 ? 809 ILE A CD1 1 
ATOM   71  N N   . GLU A 1 10 ? -1.664  0.494   -8.020  1.00 15.85 ? 810 GLU A N   1 
ATOM   72  C CA  . GLU A 1 10 ? -1.618  1.770   -8.712  1.00 16.19 ? 810 GLU A CA  1 
ATOM   73  C C   . GLU A 1 10 ? -1.707  2.931   -7.737  1.00 15.29 ? 810 GLU A C   1 
ATOM   74  O O   . GLU A 1 10 ? -2.327  2.826   -6.678  1.00 16.31 ? 810 GLU A O   1 
ATOM   75  C CB  . GLU A 1 10 ? -2.766  1.870   -9.727  1.00 18.82 ? 810 GLU A CB  1 
ATOM   76  C CG  . GLU A 1 10 ? -2.532  1.127   -11.037 1.00 19.87 ? 810 GLU A CG  1 
ATOM   77  C CD  . GLU A 1 10 ? -3.663  1.339   -12.037 1.00 23.02 ? 810 GLU A CD  1 
ATOM   78  O OE1 . GLU A 1 10 ? -4.711  0.678   -11.905 1.00 25.62 ? 810 GLU A OE1 1 
ATOM   79  O OE2 . GLU A 1 10 ? -3.512  2.179   -12.951 1.00 25.20 ? 810 GLU A OE2 1 
ATOM   80  N N   . VAL A 1 11 ? -1.066  4.035   -8.102  1.00 12.90 ? 811 VAL A N   1 
ATOM   81  C CA  . VAL A 1 11 ? -1.079  5.251   -7.298  1.00 12.37 ? 811 VAL A CA  1 
ATOM   82  C C   . VAL A 1 11 ? -1.795  6.298   -8.149  1.00 12.93 ? 811 VAL A C   1 
ATOM   83  O O   . VAL A 1 11 ? -1.321  6.652   -9.231  1.00 12.44 ? 811 VAL A O   1 
ATOM   84  C CB  . VAL A 1 11 ? 0.351   5.737   -6.978  1.00 10.92 ? 811 VAL A CB  1 
ATOM   85  C CG1 . VAL A 1 11 ? 0.295   6.938   -6.047  1.00 10.62 ? 811 VAL A CG1 1 
ATOM   86  C CG2 . VAL A 1 11 ? 1.153   4.606   -6.347  1.00 11.22 ? 811 VAL A CG2 1 
ATOM   87  N N   . LYS A 1 12 ? -2.936  6.780   -7.661  1.00 12.87 ? 812 LYS A N   1 
ATOM   88  C CA  . LYS A 1 12 ? -3.738  7.760   -8.389  1.00 14.44 ? 812 LYS A CA  1 
ATOM   89  C C   . LYS A 1 12 ? -3.960  9.049   -7.601  1.00 12.44 ? 812 LYS A C   1 
ATOM   90  O O   . LYS A 1 12 ? -3.639  9.125   -6.420  1.00 11.87 ? 812 LYS A O   1 
ATOM   91  C CB  . LYS A 1 12 ? -5.104  7.157   -8.726  1.00 15.26 ? 812 LYS A CB  1 
ATOM   92  C CG  . LYS A 1 12 ? -5.058  5.765   -9.315  1.00 18.86 ? 812 LYS A CG  1 
ATOM   93  C CD  . LYS A 1 12 ? -6.465  5.184   -9.396  1.00 20.96 ? 812 LYS A CD  1 
ATOM   94  C CE  . LYS A 1 12 ? -6.475  3.824   -10.076 1.00 21.75 ? 812 LYS A CE  1 
ATOM   95  N NZ  . LYS A 1 12 ? -7.874  3.344   -10.296 1.00 24.38 ? 812 LYS A NZ  1 
ATOM   96  N N   . ASP A 1 13 ? -4.534  10.050  -8.272  1.00 12.11 ? 813 ASP A N   1 
ATOM   97  C CA  . ASP A 1 13 ? -4.838  11.346  -7.668  1.00 11.31 ? 813 ASP A CA  1 
ATOM   98  C C   . ASP A 1 13 ? -3.716  11.858  -6.783  1.00 10.51 ? 813 ASP A C   1 
ATOM   99  O O   . ASP A 1 13 ? -3.945  12.257  -5.646  1.00 11.50 ? 813 ASP A O   1 
ATOM   100 C CB  . ASP A 1 13 ? -6.125  11.268  -6.835  1.00 12.00 ? 813 ASP A CB  1 
ATOM   101 C CG  . ASP A 1 13 ? -7.338  10.892  -7.664  1.00 12.65 ? 813 ASP A CG  1 
ATOM   102 O OD1 . ASP A 1 13 ? -7.307  11.101  -8.894  1.00 14.66 ? 813 ASP A OD1 1 
ATOM   103 O OD2 . ASP A 1 13 ? -8.326  10.400  -7.085  1.00 14.57 ? 813 ASP A OD2 1 
ATOM   104 N N   . VAL A 1 14 ? -2.499  11.846  -7.300  1.00 11.02 ? 814 VAL A N   1 
ATOM   105 C CA  . VAL A 1 14 ? -1.378  12.317  -6.510  1.00 10.87 ? 814 VAL A CA  1 
ATOM   106 C C   . VAL A 1 14 ? -1.336  13.838  -6.451  1.00 12.14 ? 814 VAL A C   1 
ATOM   107 O O   . VAL A 1 14 ? -1.288  14.512  -7.483  1.00 13.49 ? 814 VAL A O   1 
ATOM   108 C CB  . VAL A 1 14 ? -0.041  11.814  -7.070  1.00 9.69  ? 814 VAL A CB  1 
ATOM   109 C CG1 . VAL A 1 14 ? 1.108   12.326  -6.201  1.00 10.78 ? 814 VAL A CG1 1 
ATOM   110 C CG2 . VAL A 1 14 ? -0.041  10.303  -7.119  1.00 8.49  ? 814 VAL A CG2 1 
ATOM   111 N N   . THR A 1 15 ? -1.375  14.376  -5.237  1.00 12.24 ? 815 THR A N   1 
ATOM   112 C CA  . THR A 1 15 ? -1.292  15.812  -5.049  1.00 11.07 ? 815 THR A CA  1 
ATOM   113 C C   . THR A 1 15 ? 0.046   16.038  -4.356  1.00 13.13 ? 815 THR A C   1 
ATOM   114 O O   . THR A 1 15 ? 0.923   15.168  -4.385  1.00 13.89 ? 815 THR A O   1 
ATOM   115 C CB  . THR A 1 15 ? -2.447  16.354  -4.172  1.00 11.05 ? 815 THR A CB  1 
ATOM   116 O OG1 . THR A 1 15 ? -2.314  15.879  -2.828  1.00 10.36 ? 815 THR A OG1 1 
ATOM   117 C CG2 . THR A 1 15 ? -3.787  15.909  -4.734  1.00 10.40 ? 815 THR A CG2 1 
ATOM   118 N N   . ASP A 1 16 ? 0.215   17.195  -3.733  1.00 13.88 ? 816 ASP A N   1 
ATOM   119 C CA  . ASP A 1 16 ? 1.473   17.485  -3.061  1.00 13.13 ? 816 ASP A CA  1 
ATOM   120 C C   . ASP A 1 16 ? 1.580   16.789  -1.713  1.00 12.27 ? 816 ASP A C   1 
ATOM   121 O O   . ASP A 1 16 ? 2.685   16.528  -1.233  1.00 11.05 ? 816 ASP A O   1 
ATOM   122 C CB  . ASP A 1 16 ? 1.636   19.002  -2.895  1.00 15.24 ? 816 ASP A CB  1 
ATOM   123 C CG  . ASP A 1 16 ? 0.435   19.655  -2.217  1.00 17.79 ? 816 ASP A CG  1 
ATOM   124 O OD1 . ASP A 1 16 ? -0.716  19.260  -2.510  1.00 20.43 ? 816 ASP A OD1 1 
ATOM   125 O OD2 . ASP A 1 16 ? 0.645   20.579  -1.400  1.00 18.52 ? 816 ASP A OD2 1 
ATOM   126 N N   . THR A 1 17 ? 0.432   16.471  -1.117  1.00 10.47 ? 817 THR A N   1 
ATOM   127 C CA  . THR A 1 17 ? 0.414   15.850  0.201   1.00 10.22 ? 817 THR A CA  1 
ATOM   128 C C   . THR A 1 17 ? -0.485  14.627  0.338   1.00 9.40  ? 817 THR A C   1 
ATOM   129 O O   . THR A 1 17 ? -0.606  14.063  1.424   1.00 8.51  ? 817 THR A O   1 
ATOM   130 C CB  . THR A 1 17 ? -0.025  16.861  1.279   1.00 11.42 ? 817 THR A CB  1 
ATOM   131 O OG1 . THR A 1 17 ? -1.411  17.179  1.100   1.00 11.24 ? 817 THR A OG1 1 
ATOM   132 C CG2 . THR A 1 17 ? 0.803   18.134  1.181   1.00 10.44 ? 817 THR A CG2 1 
ATOM   133 N N   . THR A 1 18 ? -1.115  14.219  -0.753  1.00 9.21  ? 818 THR A N   1 
ATOM   134 C CA  . THR A 1 18 ? -1.998  13.067  -0.700  1.00 9.61  ? 818 THR A CA  1 
ATOM   135 C C   . THR A 1 18 ? -1.839  12.200  -1.941  1.00 9.47  ? 818 THR A C   1 
ATOM   136 O O   . THR A 1 18 ? -1.272  12.626  -2.950  1.00 10.92 ? 818 THR A O   1 
ATOM   137 C CB  . THR A 1 18 ? -3.484  13.494  -0.589  1.00 10.35 ? 818 THR A CB  1 
ATOM   138 O OG1 . THR A 1 18 ? -3.892  14.144  -1.802  1.00 9.43  ? 818 THR A OG1 1 
ATOM   139 C CG2 . THR A 1 18 ? -3.687  14.447  0.595   1.00 10.19 ? 818 THR A CG2 1 
ATOM   140 N N   . ALA A 1 19 ? -2.342  10.976  -1.852  1.00 8.71  ? 819 ALA A N   1 
ATOM   141 C CA  . ALA A 1 19 ? -2.287  10.036  -2.960  1.00 9.59  ? 819 ALA A CA  1 
ATOM   142 C C   . ALA A 1 19 ? -3.232  8.881   -2.669  1.00 9.67  ? 819 ALA A C   1 
ATOM   143 O O   . ALA A 1 19 ? -3.386  8.469   -1.515  1.00 9.53  ? 819 ALA A O   1 
ATOM   144 C CB  . ALA A 1 19 ? -0.867  9.512   -3.145  1.00 8.63  ? 819 ALA A CB  1 
ATOM   145 N N   . LEU A 1 20 ? -3.876  8.382   -3.718  1.00 9.62  ? 820 LEU A N   1 
ATOM   146 C CA  . LEU A 1 20 ? -4.791  7.258   -3.589  1.00 9.08  ? 820 LEU A CA  1 
ATOM   147 C C   . LEU A 1 20 ? -4.069  6.000   -4.061  1.00 9.70  ? 820 LEU A C   1 
ATOM   148 O O   . LEU A 1 20 ? -3.532  5.956   -5.173  1.00 9.93  ? 820 LEU A O   1 
ATOM   149 C CB  . LEU A 1 20 ? -6.045  7.464   -4.443  1.00 8.51  ? 820 LEU A CB  1 
ATOM   150 C CG  . LEU A 1 20 ? -7.040  6.303   -4.366  1.00 8.90  ? 820 LEU A CG  1 
ATOM   151 C CD1 . LEU A 1 20 ? -7.600  6.200   -2.960  1.00 10.30 ? 820 LEU A CD1 1 
ATOM   152 C CD2 . LEU A 1 20 ? -8.161  6.515   -5.370  1.00 10.20 ? 820 LEU A CD2 1 
ATOM   153 N N   . ILE A 1 21 ? -4.046  4.986   -3.210  1.00 8.88  ? 821 ILE A N   1 
ATOM   154 C CA  . ILE A 1 21 ? -3.402  3.733   -3.557  1.00 10.54 ? 821 ILE A CA  1 
ATOM   155 C C   . ILE A 1 21 ? -4.503  2.724   -3.834  1.00 10.57 ? 821 ILE A C   1 
ATOM   156 O O   . ILE A 1 21 ? -5.419  2.578   -3.030  1.00 9.64  ? 821 ILE A O   1 
ATOM   157 C CB  . ILE A 1 21 ? -2.525  3.227   -2.400  1.00 12.53 ? 821 ILE A CB  1 
ATOM   158 C CG1 . ILE A 1 21 ? -1.509  4.311   -2.022  1.00 13.62 ? 821 ILE A CG1 1 
ATOM   159 C CG2 . ILE A 1 21 ? -1.816  1.936   -2.805  1.00 12.44 ? 821 ILE A CG2 1 
ATOM   160 C CD1 . ILE A 1 21 ? -0.619  3.941   -0.862  1.00 19.66 ? 821 ILE A CD1 1 
ATOM   161 N N   . THR A 1 22 ? -4.431  2.045   -4.976  1.00 10.38 ? 822 THR A N   1 
ATOM   162 C CA  . THR A 1 22 ? -5.441  1.046   -5.309  1.00 11.26 ? 822 THR A CA  1 
ATOM   163 C C   . THR A 1 22 ? -4.761  -0.287  -5.611  1.00 10.46 ? 822 THR A C   1 
ATOM   164 O O   . THR A 1 22 ? -3.553  -0.335  -5.838  1.00 10.34 ? 822 THR A O   1 
ATOM   165 C CB  . THR A 1 22 ? -6.303  1.480   -6.525  1.00 13.39 ? 822 THR A CB  1 
ATOM   166 O OG1 . THR A 1 22 ? -5.492  1.524   -7.704  1.00 14.52 ? 822 THR A OG1 1 
ATOM   167 C CG2 . THR A 1 22 ? -6.922  2.861   -6.281  1.00 10.35 ? 822 THR A CG2 1 
ATOM   168 N N   . TRP A 1 23 ? -5.532  -1.371  -5.585  1.00 10.07 ? 823 TRP A N   1 
ATOM   169 C CA  . TRP A 1 23 ? -4.979  -2.687  -5.873  1.00 9.90  ? 823 TRP A CA  1 
ATOM   170 C C   . TRP A 1 23 ? -6.056  -3.715  -6.150  1.00 10.56 ? 823 TRP A C   1 
ATOM   171 O O   . TRP A 1 23 ? -7.232  -3.503  -5.842  1.00 9.55  ? 823 TRP A O   1 
ATOM   172 C CB  . TRP A 1 23 ? -4.111  -3.167  -4.707  1.00 9.51  ? 823 TRP A CB  1 
ATOM   173 C CG  . TRP A 1 23 ? -4.857  -3.327  -3.424  1.00 8.97  ? 823 TRP A CG  1 
ATOM   174 C CD1 . TRP A 1 23 ? -5.538  -4.438  -2.994  1.00 9.03  ? 823 TRP A CD1 1 
ATOM   175 C CD2 . TRP A 1 23 ? -4.998  -2.345  -2.393  1.00 9.07  ? 823 TRP A CD2 1 
ATOM   176 N NE1 . TRP A 1 23 ? -6.092  -4.205  -1.752  1.00 8.02  ? 823 TRP A NE1 1 
ATOM   177 C CE2 . TRP A 1 23 ? -5.776  -2.928  -1.361  1.00 7.56  ? 823 TRP A CE2 1 
ATOM   178 C CE3 . TRP A 1 23 ? -4.541  -1.026  -2.239  1.00 9.22  ? 823 TRP A CE3 1 
ATOM   179 C CZ2 . TRP A 1 23 ? -6.107  -2.233  -0.187  1.00 8.20  ? 823 TRP A CZ2 1 
ATOM   180 C CZ3 . TRP A 1 23 ? -4.869  -0.336  -1.075  1.00 7.44  ? 823 TRP A CZ3 1 
ATOM   181 C CH2 . TRP A 1 23 ? -5.645  -0.942  -0.064  1.00 8.23  ? 823 TRP A CH2 1 
ATOM   182 N N   . MET A 1 24 ? -5.641  -4.824  -6.753  1.00 11.32 ? 824 MET A N   1 
ATOM   183 C CA  . MET A 1 24 ? -6.547  -5.916  -7.039  1.00 12.95 ? 824 MET A CA  1 
ATOM   184 C C   . MET A 1 24 ? -6.252  -6.990  -6.003  1.00 13.24 ? 824 MET A C   1 
ATOM   185 O O   . MET A 1 24 ? -5.110  -7.420  -5.849  1.00 13.16 ? 824 MET A O   1 
ATOM   186 C CB  . MET A 1 24 ? -6.316  -6.476  -8.445  1.00 14.72 ? 824 MET A CB  1 
ATOM   187 C CG  . MET A 1 24 ? -6.848  -5.595  -9.568  1.00 20.52 ? 824 MET A CG  1 
ATOM   188 S SD  . MET A 1 24 ? -8.601  -5.142  -9.364  1.00 27.18 ? 824 MET A SD  1 
ATOM   189 C CE  . MET A 1 24 ? -9.373  -6.762  -9.335  1.00 25.59 ? 824 MET A CE  1 
ATOM   190 N N   . PRO A 1 25 ? -7.281  -7.426  -5.264  1.00 12.52 ? 825 PRO A N   1 
ATOM   191 C CA  . PRO A 1 25 ? -7.085  -8.460  -4.246  1.00 12.20 ? 825 PRO A CA  1 
ATOM   192 C C   . PRO A 1 25 ? -6.676  -9.798  -4.870  1.00 12.83 ? 825 PRO A C   1 
ATOM   193 O O   . PRO A 1 25 ? -6.813  -9.999  -6.086  1.00 11.32 ? 825 PRO A O   1 
ATOM   194 C CB  . PRO A 1 25 ? -8.452  -8.529  -3.568  1.00 13.84 ? 825 PRO A CB  1 
ATOM   195 C CG  . PRO A 1 25 ? -9.392  -8.229  -4.709  1.00 14.33 ? 825 PRO A CG  1 
ATOM   196 C CD  . PRO A 1 25 ? -8.705  -7.059  -5.382  1.00 12.56 ? 825 PRO A CD  1 
ATOM   197 N N   . PRO A 1 26 ? -6.146  -10.721 -4.048  1.00 13.25 ? 826 PRO A N   1 
ATOM   198 C CA  . PRO A 1 26 ? -5.721  -12.047 -4.513  1.00 14.24 ? 826 PRO A CA  1 
ATOM   199 C C   . PRO A 1 26 ? -6.957  -12.840 -4.933  1.00 15.38 ? 826 PRO A C   1 
ATOM   200 O O   . PRO A 1 26 ? -8.086  -12.385 -4.745  1.00 14.63 ? 826 PRO A O   1 
ATOM   201 C CB  . PRO A 1 26 ? -5.065  -12.662 -3.276  1.00 14.13 ? 826 PRO A CB  1 
ATOM   202 C CG  . PRO A 1 26 ? -4.636  -11.484 -2.473  1.00 16.03 ? 826 PRO A CG  1 
ATOM   203 C CD  . PRO A 1 26 ? -5.773  -10.516 -2.639  1.00 12.90 ? 826 PRO A CD  1 
ATOM   204 N N   . SER A 1 27 ? -6.747  -14.035 -5.474  1.00 17.50 ? 827 SER A N   1 
ATOM   205 C CA  . SER A 1 27 ? -7.861  -14.871 -5.908  1.00 20.75 ? 827 SER A CA  1 
ATOM   206 C C   . SER A 1 27 ? -8.365  -15.828 -4.822  1.00 21.73 ? 827 SER A C   1 
ATOM   207 O O   . SER A 1 27 ? -9.203  -16.695 -5.090  1.00 25.21 ? 827 SER A O   1 
ATOM   208 C CB  . SER A 1 27 ? -7.461  -15.669 -7.148  1.00 22.39 ? 827 SER A CB  1 
ATOM   209 O OG  . SER A 1 27 ? -8.577  -16.360 -7.680  1.00 29.60 ? 827 SER A OG  1 
ATOM   210 N N   . GLN A 1 28 ? -7.855  -15.675 -3.602  1.00 21.59 ? 828 GLN A N   1 
ATOM   211 C CA  . GLN A 1 28 ? -8.267  -16.519 -2.483  1.00 19.72 ? 828 GLN A CA  1 
ATOM   212 C C   . GLN A 1 28 ? -8.781  -15.611 -1.382  1.00 19.80 ? 828 GLN A C   1 
ATOM   213 O O   . GLN A 1 28 ? -8.533  -14.408 -1.397  1.00 17.88 ? 828 GLN A O   1 
ATOM   214 C CB  . GLN A 1 28 ? -7.087  -17.316 -1.917  1.00 20.95 ? 828 GLN A CB  1 
ATOM   215 C CG  . GLN A 1 28 ? -6.153  -17.928 -2.940  1.00 23.56 ? 828 GLN A CG  1 
ATOM   216 C CD  . GLN A 1 28 ? -5.187  -16.912 -3.521  1.00 22.90 ? 828 GLN A CD  1 
ATOM   217 O OE1 . GLN A 1 28 ? -4.521  -16.185 -2.781  1.00 24.01 ? 828 GLN A OE1 1 
ATOM   218 N NE2 . GLN A 1 28 ? -5.099  -16.863 -4.848  1.00 24.09 ? 828 GLN A NE2 1 
ATOM   219 N N   . PRO A 1 29 ? -9.521  -16.171 -0.414  1.00 20.14 ? 829 PRO A N   1 
ATOM   220 C CA  . PRO A 1 29 ? -10.014 -15.309 0.661   1.00 19.10 ? 829 PRO A CA  1 
ATOM   221 C C   . PRO A 1 29 ? -8.871  -14.897 1.584   1.00 18.97 ? 829 PRO A C   1 
ATOM   222 O O   . PRO A 1 29 ? -7.888  -15.630 1.750   1.00 17.90 ? 829 PRO A O   1 
ATOM   223 C CB  . PRO A 1 29 ? -11.058 -16.183 1.363   1.00 19.68 ? 829 PRO A CB  1 
ATOM   224 C CG  . PRO A 1 29 ? -10.560 -17.574 1.121   1.00 20.52 ? 829 PRO A CG  1 
ATOM   225 C CD  . PRO A 1 29 ? -10.117 -17.517 -0.329  1.00 20.71 ? 829 PRO A CD  1 
ATOM   226 N N   . VAL A 1 30 ? -8.997  -13.705 2.155   1.00 18.01 ? 830 VAL A N   1 
ATOM   227 C CA  . VAL A 1 30 ? -8.009  -13.165 3.072   1.00 15.66 ? 830 VAL A CA  1 
ATOM   228 C C   . VAL A 1 30 ? -8.778  -12.408 4.137   1.00 16.42 ? 830 VAL A C   1 
ATOM   229 O O   . VAL A 1 30 ? -9.936  -12.043 3.926   1.00 14.77 ? 830 VAL A O   1 
ATOM   230 C CB  . VAL A 1 30 ? -7.034  -12.197 2.358   1.00 16.70 ? 830 VAL A CB  1 
ATOM   231 C CG1 . VAL A 1 30 ? -6.254  -12.949 1.293   1.00 15.71 ? 830 VAL A CG1 1 
ATOM   232 C CG2 . VAL A 1 30 ? -7.804  -11.032 1.730   1.00 15.75 ? 830 VAL A CG2 1 
ATOM   233 N N   . ASP A 1 31 ? -8.143  -12.189 5.282   1.00 16.67 ? 831 ASP A N   1 
ATOM   234 C CA  . ASP A 1 31 ? -8.774  -11.473 6.388   1.00 16.38 ? 831 ASP A CA  1 
ATOM   235 C C   . ASP A 1 31 ? -8.596  -9.974  6.224   1.00 16.61 ? 831 ASP A C   1 
ATOM   236 O O   . ASP A 1 31 ? -9.255  -9.181  6.901   1.00 16.87 ? 831 ASP A O   1 
ATOM   237 C CB  . ASP A 1 31 ? -8.172  -11.912 7.723   1.00 18.07 ? 831 ASP A CB  1 
ATOM   238 C CG  . ASP A 1 31 ? -8.335  -13.396 7.972   1.00 19.37 ? 831 ASP A CG  1 
ATOM   239 O OD1 . ASP A 1 31 ? -9.453  -13.910 7.767   1.00 23.10 ? 831 ASP A OD1 1 
ATOM   240 O OD2 . ASP A 1 31 ? -7.350  -14.049 8.375   1.00 23.51 ? 831 ASP A OD2 1 
ATOM   241 N N   . GLY A 1 32 ? -7.702  -9.591  5.318   1.00 15.52 ? 832 GLY A N   1 
ATOM   242 C CA  . GLY A 1 32 ? -7.454  -8.185  5.080   1.00 15.21 ? 832 GLY A CA  1 
ATOM   243 C C   . GLY A 1 32 ? -6.116  -7.934  4.419   1.00 14.31 ? 832 GLY A C   1 
ATOM   244 O O   . GLY A 1 32 ? -5.513  -8.841  3.835   1.00 13.44 ? 832 GLY A O   1 
ATOM   245 N N   . PHE A 1 33 ? -5.651  -6.690  4.510   1.00 12.91 ? 833 PHE A N   1 
ATOM   246 C CA  . PHE A 1 33 ? -4.375  -6.298  3.922   1.00 11.14 ? 833 PHE A CA  1 
ATOM   247 C C   . PHE A 1 33 ? -3.637  -5.369  4.862   1.00 10.95 ? 833 PHE A C   1 
ATOM   248 O O   . PHE A 1 33 ? -4.219  -4.807  5.791   1.00 11.09 ? 833 PHE A O   1 
ATOM   249 C CB  . PHE A 1 33 ? -4.578  -5.553  2.599   1.00 9.54  ? 833 PHE A CB  1 
ATOM   250 C CG  . PHE A 1 33 ? -5.472  -6.261  1.629   1.00 8.74  ? 833 PHE A CG  1 
ATOM   251 C CD1 . PHE A 1 33 ? -6.830  -5.978  1.584   1.00 7.25  ? 833 PHE A CD1 1 
ATOM   252 C CD2 . PHE A 1 33 ? -4.958  -7.218  0.763   1.00 9.02  ? 833 PHE A CD2 1 
ATOM   253 C CE1 . PHE A 1 33 ? -7.663  -6.635  0.688   1.00 7.20  ? 833 PHE A CE1 1 
ATOM   254 C CE2 . PHE A 1 33 ? -5.784  -7.879  -0.137  1.00 8.26  ? 833 PHE A CE2 1 
ATOM   255 C CZ  . PHE A 1 33 ? -7.140  -7.587  -0.174  1.00 9.42  ? 833 PHE A CZ  1 
ATOM   256 N N   . GLU A 1 34 ? -2.350  -5.213  4.603   1.00 9.59  ? 834 GLU A N   1 
ATOM   257 C CA  . GLU A 1 34 ? -1.514  -4.312  5.375   1.00 11.50 ? 834 GLU A CA  1 
ATOM   258 C C   . GLU A 1 34 ? -0.732  -3.474  4.380   1.00 10.55 ? 834 GLU A C   1 
ATOM   259 O O   . GLU A 1 34 ? 0.066   -4.000  3.605   1.00 10.39 ? 834 GLU A O   1 
ATOM   260 C CB  . GLU A 1 34 ? -0.573  -5.095  6.286   1.00 13.72 ? 834 GLU A CB  1 
ATOM   261 C CG  . GLU A 1 34 ? -1.213  -5.423  7.628   1.00 16.35 ? 834 GLU A CG  1 
ATOM   262 C CD  . GLU A 1 34 ? -0.300  -6.218  8.534   1.00 19.79 ? 834 GLU A CD  1 
ATOM   263 O OE1 . GLU A 1 34 ? 0.936   -6.113  8.373   1.00 19.98 ? 834 GLU A OE1 1 
ATOM   264 O OE2 . GLU A 1 34 ? -0.822  -6.938  9.416   1.00 18.42 ? 834 GLU A OE2 1 
ATOM   265 N N   . LEU A 1 35 ? -0.996  -2.172  4.391   1.00 9.73  ? 835 LEU A N   1 
ATOM   266 C CA  . LEU A 1 35 ? -0.346  -1.231  3.488   1.00 10.66 ? 835 LEU A CA  1 
ATOM   267 C C   . LEU A 1 35 ? 0.693   -0.413  4.244   1.00 10.68 ? 835 LEU A C   1 
ATOM   268 O O   . LEU A 1 35 ? 0.367   0.285   5.207   1.00 9.10  ? 835 LEU A O   1 
ATOM   269 C CB  . LEU A 1 35 ? -1.405  -0.307  2.861   1.00 10.38 ? 835 LEU A CB  1 
ATOM   270 C CG  . LEU A 1 35 ? -0.976  0.863   1.966   1.00 12.62 ? 835 LEU A CG  1 
ATOM   271 C CD1 . LEU A 1 35 ? -2.159  1.320   1.119   1.00 13.73 ? 835 LEU A CD1 1 
ATOM   272 C CD2 . LEU A 1 35 ? -0.464  2.017   2.815   1.00 12.65 ? 835 LEU A CD2 1 
ATOM   273 N N   . THR A 1 36 ? 1.945   -0.507  3.810   1.00 10.32 ? 836 THR A N   1 
ATOM   274 C CA  . THR A 1 36 ? 3.027   0.232   4.445   1.00 9.66  ? 836 THR A CA  1 
ATOM   275 C C   . THR A 1 36 ? 3.479   1.318   3.495   1.00 9.41  ? 836 THR A C   1 
ATOM   276 O O   . THR A 1 36 ? 3.634   1.072   2.307   1.00 9.22  ? 836 THR A O   1 
ATOM   277 C CB  . THR A 1 36 ? 4.230   -0.681  4.750   1.00 9.56  ? 836 THR A CB  1 
ATOM   278 O OG1 . THR A 1 36 ? 3.825   -1.722  5.641   1.00 11.18 ? 836 THR A OG1 1 
ATOM   279 C CG2 . THR A 1 36 ? 5.356   0.111   5.398   1.00 9.39  ? 836 THR A CG2 1 
ATOM   280 N N   . TYR A 1 37 ? 3.679   2.523   4.013   1.00 8.69  ? 837 TYR A N   1 
ATOM   281 C CA  . TYR A 1 37 ? 4.130   3.624   3.175   1.00 8.50  ? 837 TYR A CA  1 
ATOM   282 C C   . TYR A 1 37 ? 5.095   4.519   3.944   1.00 8.25  ? 837 TYR A C   1 
ATOM   283 O O   . TYR A 1 37 ? 5.034   4.618   5.176   1.00 6.96  ? 837 TYR A O   1 
ATOM   284 C CB  . TYR A 1 37 ? 2.942   4.459   2.678   1.00 9.51  ? 837 TYR A CB  1 
ATOM   285 C CG  . TYR A 1 37 ? 2.314   5.354   3.732   1.00 9.88  ? 837 TYR A CG  1 
ATOM   286 C CD1 . TYR A 1 37 ? 1.377   4.852   4.639   1.00 10.81 ? 837 TYR A CD1 1 
ATOM   287 C CD2 . TYR A 1 37 ? 2.655   6.711   3.819   1.00 10.20 ? 837 TYR A CD2 1 
ATOM   288 C CE1 . TYR A 1 37 ? 0.790   5.679   5.606   1.00 9.54  ? 837 TYR A CE1 1 
ATOM   289 C CE2 . TYR A 1 37 ? 2.078   7.542   4.781   1.00 9.46  ? 837 TYR A CE2 1 
ATOM   290 C CZ  . TYR A 1 37 ? 1.147   7.021   5.672   1.00 9.52  ? 837 TYR A CZ  1 
ATOM   291 O OH  . TYR A 1 37 ? 0.588   7.835   6.634   1.00 9.36  ? 837 TYR A OH  1 
ATOM   292 N N   . GLY A 1 38 ? 5.988   5.161   3.199   1.00 7.35  ? 838 GLY A N   1 
ATOM   293 C CA  . GLY A 1 38 ? 6.952   6.056   3.803   1.00 9.02  ? 838 GLY A CA  1 
ATOM   294 C C   . GLY A 1 38 ? 7.948   6.571   2.784   1.00 9.96  ? 838 GLY A C   1 
ATOM   295 O O   . GLY A 1 38 ? 7.996   6.078   1.659   1.00 10.92 ? 838 GLY A O   1 
ATOM   296 N N   . ILE A 1 39 ? 8.739   7.567   3.166   1.00 11.46 ? 839 ILE A N   1 
ATOM   297 C CA  . ILE A 1 39 ? 9.736   8.110   2.246   1.00 13.04 ? 839 ILE A CA  1 
ATOM   298 C C   . ILE A 1 39 ? 10.706  6.987   1.881   1.00 13.70 ? 839 ILE A C   1 
ATOM   299 O O   . ILE A 1 39 ? 11.371  6.413   2.744   1.00 13.34 ? 839 ILE A O   1 
ATOM   300 C CB  . ILE A 1 39 ? 10.483  9.308   2.880   1.00 12.32 ? 839 ILE A CB  1 
ATOM   301 C CG1 . ILE A 1 39 ? 9.488   10.443  3.131   1.00 14.01 ? 839 ILE A CG1 1 
ATOM   302 C CG2 . ILE A 1 39 ? 11.602  9.788   1.960   1.00 12.05 ? 839 ILE A CG2 1 
ATOM   303 C CD1 . ILE A 1 39 ? 10.082  11.623  3.863   1.00 14.64 ? 839 ILE A CD1 1 
ATOM   304 N N   . LYS A 1 40 ? 10.766  6.677   0.593   1.00 15.08 ? 840 LYS A N   1 
ATOM   305 C CA  . LYS A 1 40 ? 11.607  5.594   0.090   1.00 17.94 ? 840 LYS A CA  1 
ATOM   306 C C   . LYS A 1 40 ? 13.026  5.527   0.663   1.00 18.03 ? 840 LYS A C   1 
ATOM   307 O O   . LYS A 1 40 ? 13.450  4.480   1.155   1.00 17.91 ? 840 LYS A O   1 
ATOM   308 C CB  . LYS A 1 40 ? 11.659  5.669   -1.441  1.00 18.01 ? 840 LYS A CB  1 
ATOM   309 C CG  . LYS A 1 40 ? 12.266  4.458   -2.134  1.00 18.21 ? 840 LYS A CG  1 
ATOM   310 C CD  . LYS A 1 40 ? 12.114  4.594   -3.645  1.00 18.65 ? 840 LYS A CD  1 
ATOM   311 C CE  . LYS A 1 40 ? 12.803  3.461   -4.392  1.00 23.16 ? 840 LYS A CE  1 
ATOM   312 N NZ  . LYS A 1 40 ? 12.238  2.122   -4.066  1.00 24.21 ? 840 LYS A NZ  1 
ATOM   313 N N   . ASP A 1 41 ? 13.750  6.640   0.612   1.00 19.41 ? 841 ASP A N   1 
ATOM   314 C CA  . ASP A 1 41 ? 15.128  6.674   1.094   1.00 21.68 ? 841 ASP A CA  1 
ATOM   315 C C   . ASP A 1 41 ? 15.282  6.848   2.597   1.00 22.13 ? 841 ASP A C   1 
ATOM   316 O O   . ASP A 1 41 ? 16.389  7.051   3.087   1.00 21.63 ? 841 ASP A O   1 
ATOM   317 C CB  . ASP A 1 41 ? 15.904  7.780   0.375   0.71 24.39 ? 841 ASP A CB  1 
ATOM   318 C CG  . ASP A 1 41 ? 15.912  7.599   -1.127  0.71 27.19 ? 841 ASP A CG  1 
ATOM   319 O OD1 . ASP A 1 41 ? 16.172  6.467   -1.587  0.71 28.38 ? 841 ASP A OD1 1 
ATOM   320 O OD2 . ASP A 1 41 ? 15.663  8.587   -1.849  0.71 30.97 ? 841 ASP A OD2 1 
ATOM   321 N N   . VAL A 1 42 ? 14.172  6.772   3.320   1.00 21.65 ? 842 VAL A N   1 
ATOM   322 C CA  . VAL A 1 42 ? 14.193  6.911   4.767   1.00 21.68 ? 842 VAL A CA  1 
ATOM   323 C C   . VAL A 1 42 ? 13.561  5.669   5.391   1.00 22.40 ? 842 VAL A C   1 
ATOM   324 O O   . VAL A 1 42 ? 12.364  5.637   5.676   1.00 21.44 ? 842 VAL A O   1 
ATOM   325 C CB  . VAL A 1 42 ? 13.418  8.166   5.213   1.00 21.26 ? 842 VAL A CB  1 
ATOM   326 C CG1 . VAL A 1 42 ? 13.546  8.350   6.709   1.00 19.01 ? 842 VAL A CG1 1 
ATOM   327 C CG2 . VAL A 1 42 ? 13.946  9.392   4.476   1.00 20.94 ? 842 VAL A CG2 1 
ATOM   328 N N   . PRO A 1 43 ? 14.371  4.623   5.611   1.00 23.52 ? 843 PRO A N   1 
ATOM   329 C CA  . PRO A 1 43 ? 13.899  3.365   6.200   1.00 24.55 ? 843 PRO A CA  1 
ATOM   330 C C   . PRO A 1 43 ? 13.179  3.515   7.538   1.00 24.47 ? 843 PRO A C   1 
ATOM   331 O O   . PRO A 1 43 ? 12.377  2.657   7.918   1.00 23.86 ? 843 PRO A O   1 
ATOM   332 C CB  . PRO A 1 43 ? 15.178  2.533   6.306   1.00 25.48 ? 843 PRO A CB  1 
ATOM   333 C CG  . PRO A 1 43 ? 16.252  3.575   6.465   1.00 25.91 ? 843 PRO A CG  1 
ATOM   334 C CD  . PRO A 1 43 ? 15.834  4.605   5.446   1.00 24.56 ? 843 PRO A CD  1 
ATOM   335 N N   . GLY A 1 44 ? 13.464  4.612   8.239   1.00 24.22 ? 844 GLY A N   1 
ATOM   336 C CA  . GLY A 1 44 ? 12.845  4.864   9.528   1.00 22.93 ? 844 GLY A CA  1 
ATOM   337 C C   . GLY A 1 44 ? 11.430  5.396   9.414   1.00 22.68 ? 844 GLY A C   1 
ATOM   338 O O   . GLY A 1 44 ? 10.660  5.325   10.371  1.00 23.95 ? 844 GLY A O   1 
ATOM   339 N N   . ASP A 1 45 ? 11.091  5.940   8.247   1.00 21.13 ? 845 ASP A N   1 
ATOM   340 C CA  . ASP A 1 45 ? 9.757   6.473   8.010   1.00 20.37 ? 845 ASP A CA  1 
ATOM   341 C C   . ASP A 1 45 ? 8.864   5.429   7.355   1.00 20.01 ? 845 ASP A C   1 
ATOM   342 O O   . ASP A 1 45 ? 8.773   5.343   6.132   1.00 18.99 ? 845 ASP A O   1 
ATOM   343 C CB  . ASP A 1 45 ? 9.812   7.721   7.121   1.00 21.64 ? 845 ASP A CB  1 
ATOM   344 C CG  . ASP A 1 45 ? 8.437   8.141   6.635   1.00 22.04 ? 845 ASP A CG  1 
ATOM   345 O OD1 . ASP A 1 45 ? 7.459   7.880   7.364   1.00 23.69 ? 845 ASP A OD1 1 
ATOM   346 O OD2 . ASP A 1 45 ? 8.327   8.729   5.539   1.00 21.73 ? 845 ASP A OD2 1 
ATOM   347 N N   . ARG A 1 46 ? 8.208   4.628   8.180   1.00 19.33 ? 846 ARG A N   1 
ATOM   348 C CA  . ARG A 1 46 ? 7.321   3.602   7.668   1.00 19.31 ? 846 ARG A CA  1 
ATOM   349 C C   . ARG A 1 46 ? 6.074   3.541   8.544   1.00 18.91 ? 846 ARG A C   1 
ATOM   350 O O   . ARG A 1 46 ? 6.171   3.392   9.766   1.00 21.60 ? 846 ARG A O   1 
ATOM   351 C CB  . ARG A 1 46 ? 8.038   2.246   7.656   1.00 19.16 ? 846 ARG A CB  1 
ATOM   352 C CG  . ARG A 1 46 ? 9.167   2.137   6.629   1.00 21.09 ? 846 ARG A CG  1 
ATOM   353 C CD  . ARG A 1 46 ? 8.615   2.210   5.206   1.00 23.16 ? 846 ARG A CD  1 
ATOM   354 N NE  . ARG A 1 46 ? 9.633   2.087   4.155   1.00 22.96 ? 846 ARG A NE  1 
ATOM   355 C CZ  . ARG A 1 46 ? 10.398  3.084   3.711   1.00 22.08 ? 846 ARG A CZ  1 
ATOM   356 N NH1 . ARG A 1 46 ? 10.278  4.303   4.222   1.00 21.89 ? 846 ARG A NH1 1 
ATOM   357 N NH2 . ARG A 1 46 ? 11.278  2.864   2.743   1.00 20.84 ? 846 ARG A NH2 1 
ATOM   358 N N   . THR A 1 47 ? 4.912   3.698   7.916   1.00 13.61 ? 847 THR A N   1 
ATOM   359 C CA  . THR A 1 47 ? 3.635   3.630   8.622   1.00 12.04 ? 847 THR A CA  1 
ATOM   360 C C   . THR A 1 47 ? 2.853   2.483   8.004   1.00 9.93  ? 847 THR A C   1 
ATOM   361 O O   . THR A 1 47 ? 2.761   2.383   6.785   1.00 9.92  ? 847 THR A O   1 
ATOM   362 C CB  . THR A 1 47 ? 2.811   4.925   8.470   1.00 10.67 ? 847 THR A CB  1 
ATOM   363 O OG1 . THR A 1 47 ? 3.523   6.023   9.054   1.00 10.91 ? 847 THR A OG1 1 
ATOM   364 C CG2 . THR A 1 47 ? 1.467   4.776   9.168   1.00 9.87  ? 847 THR A CG2 1 
ATOM   365 N N   . THR A 1 48 ? 2.303   1.613   8.841   1.00 8.80  ? 848 THR A N   1 
ATOM   366 C CA  . THR A 1 48 ? 1.546   0.480   8.345   1.00 7.96  ? 848 THR A CA  1 
ATOM   367 C C   . THR A 1 48 ? 0.079   0.621   8.699   1.00 8.40  ? 848 THR A C   1 
ATOM   368 O O   . THR A 1 48 ? -0.281  0.735   9.870   1.00 7.38  ? 848 THR A O   1 
ATOM   369 C CB  . THR A 1 48 ? 2.081   -0.841  8.916   1.00 9.26  ? 848 THR A CB  1 
ATOM   370 O OG1 . THR A 1 48 ? 3.455   -0.993  8.538   1.00 11.21 ? 848 THR A OG1 1 
ATOM   371 C CG2 . THR A 1 48 ? 1.277   -2.027  8.374   1.00 7.72  ? 848 THR A CG2 1 
ATOM   372 N N   . ILE A 1 49 ? -0.750  0.613   7.658   1.00 8.05  ? 849 ILE A N   1 
ATOM   373 C CA  . ILE A 1 49 ? -2.198  0.758   7.769   1.00 9.37  ? 849 ILE A CA  1 
ATOM   374 C C   . ILE A 1 49 ? -2.913  -0.599  7.668   1.00 9.58  ? 849 ILE A C   1 
ATOM   375 O O   . ILE A 1 49 ? -2.605  -1.414  6.794   1.00 9.32  ? 849 ILE A O   1 
ATOM   376 C CB  . ILE A 1 49 ? -2.733  1.683   6.641   1.00 8.17  ? 849 ILE A CB  1 
ATOM   377 C CG1 . ILE A 1 49 ? -2.019  3.044   6.687   1.00 9.97  ? 849 ILE A CG1 1 
ATOM   378 C CG2 . ILE A 1 49 ? -4.245  1.845   6.769   1.00 11.38 ? 849 ILE A CG2 1 
ATOM   379 C CD1 . ILE A 1 49 ? -2.460  3.954   7.840   1.00 11.92 ? 849 ILE A CD1 1 
ATOM   380 N N   . ASP A 1 50 ? -3.871  -0.831  8.560   1.00 10.15 ? 850 ASP A N   1 
ATOM   381 C CA  . ASP A 1 50 ? -4.628  -2.080  8.570   1.00 10.73 ? 850 ASP A CA  1 
ATOM   382 C C   . ASP A 1 50 ? -5.915  -1.897  7.758   1.00 11.03 ? 850 ASP A C   1 
ATOM   383 O O   . ASP A 1 50 ? -6.651  -0.932  7.965   1.00 9.80  ? 850 ASP A O   1 
ATOM   384 C CB  . ASP A 1 50 ? -4.935  -2.471  10.022  1.00 13.92 ? 850 ASP A CB  1 
ATOM   385 C CG  . ASP A 1 50 ? -5.638  -3.806  10.140  1.00 20.13 ? 850 ASP A CG  1 
ATOM   386 O OD1 . ASP A 1 50 ? -6.876  -3.845  9.940   1.00 22.93 ? 850 ASP A OD1 1 
ATOM   387 O OD2 . ASP A 1 50 ? -4.950  -4.816  10.428  1.00 20.89 ? 850 ASP A OD2 1 
ATOM   388 N N   . LEU A 1 51 ? -6.160  -2.819  6.821   1.00 11.00 ? 851 LEU A N   1 
ATOM   389 C CA  . LEU A 1 51 ? -7.339  -2.784  5.948   1.00 11.95 ? 851 LEU A CA  1 
ATOM   390 C C   . LEU A 1 51 ? -8.090  -4.111  5.997   1.00 12.67 ? 851 LEU A C   1 
ATOM   391 O O   . LEU A 1 51 ? -7.474  -5.165  6.137   1.00 13.03 ? 851 LEU A O   1 
ATOM   392 C CB  . LEU A 1 51 ? -6.936  -2.549  4.481   1.00 12.12 ? 851 LEU A CB  1 
ATOM   393 C CG  . LEU A 1 51 ? -6.214  -1.315  3.926   1.00 13.75 ? 851 LEU A CG  1 
ATOM   394 C CD1 . LEU A 1 51 ? -7.027  -0.063  4.179   1.00 15.04 ? 851 LEU A CD1 1 
ATOM   395 C CD2 . LEU A 1 51 ? -4.837  -1.214  4.518   1.00 15.04 ? 851 LEU A CD2 1 
ATOM   396 N N   . THR A 1 52 ? -9.413  -4.059  5.869   1.00 14.26 ? 852 THR A N   1 
ATOM   397 C CA  . THR A 1 52 ? -10.235 -5.271  5.862   1.00 14.91 ? 852 THR A CA  1 
ATOM   398 C C   . THR A 1 52 ? -10.189 -5.844  4.441   1.00 15.29 ? 852 THR A C   1 
ATOM   399 O O   . THR A 1 52 ? -9.746  -5.168  3.514   1.00 13.79 ? 852 THR A O   1 
ATOM   400 C CB  . THR A 1 52 ? -11.709 -4.970  6.267   1.00 14.61 ? 852 THR A CB  1 
ATOM   401 O OG1 . THR A 1 52 ? -12.277 -4.005  5.374   1.00 16.67 ? 852 THR A OG1 1 
ATOM   402 C CG2 . THR A 1 52 ? -11.770 -4.421  7.677   1.00 15.72 ? 852 THR A CG2 1 
ATOM   403 N N   . GLU A 1 53 ? -10.648 -7.077  4.259   1.00 17.28 ? 853 GLU A N   1 
ATOM   404 C CA  . GLU A 1 53 ? -10.582 -7.688  2.937   1.00 20.50 ? 853 GLU A CA  1 
ATOM   405 C C   . GLU A 1 53 ? -11.424 -7.017  1.860   1.00 21.00 ? 853 GLU A C   1 
ATOM   406 O O   . GLU A 1 53 ? -11.110 -7.124  0.672   1.00 20.73 ? 853 GLU A O   1 
ATOM   407 C CB  . GLU A 1 53 ? -10.941 -9.177  3.005   1.00 24.40 ? 853 GLU A CB  1 
ATOM   408 C CG  . GLU A 1 53 ? -12.341 -9.472  3.485   1.00 30.53 ? 853 GLU A CG  1 
ATOM   409 C CD  . GLU A 1 53 ? -12.826 -10.842 3.035   1.00 33.66 ? 853 GLU A CD  1 
ATOM   410 O OE1 . GLU A 1 53 ? -12.145 -11.848 3.322   1.00 35.74 ? 853 GLU A OE1 1 
ATOM   411 O OE2 . GLU A 1 53 ? -13.896 -10.910 2.393   1.00 36.03 ? 853 GLU A OE2 1 
ATOM   412 N N   . ASP A 1 54 ? -12.486 -6.326  2.260   1.00 20.14 ? 854 ASP A N   1 
ATOM   413 C CA  . ASP A 1 54 ? -13.342 -5.661  1.285   1.00 20.33 ? 854 ASP A CA  1 
ATOM   414 C C   . ASP A 1 54 ? -12.792 -4.307  0.838   1.00 18.39 ? 854 ASP A C   1 
ATOM   415 O O   . ASP A 1 54 ? -13.365 -3.651  -0.030  1.00 18.34 ? 854 ASP A O   1 
ATOM   416 C CB  . ASP A 1 54 ? -14.765 -5.517  1.842   1.00 25.03 ? 854 ASP A CB  1 
ATOM   417 C CG  . ASP A 1 54 ? -14.811 -4.757  3.154   1.00 29.57 ? 854 ASP A CG  1 
ATOM   418 O OD1 . ASP A 1 54 ? -15.783 -4.951  3.922   1.00 33.55 ? 854 ASP A OD1 1 
ATOM   419 O OD2 . ASP A 1 54 ? -13.888 -3.958  3.413   1.00 32.08 ? 854 ASP A OD2 1 
ATOM   420 N N   . GLU A 1 55 ? -11.672 -3.899  1.429   1.00 15.60 ? 855 GLU A N   1 
ATOM   421 C CA  . GLU A 1 55 ? -11.024 -2.637  1.075   1.00 13.50 ? 855 GLU A CA  1 
ATOM   422 C C   . GLU A 1 55 ? -9.982  -2.891  -0.011  1.00 12.37 ? 855 GLU A C   1 
ATOM   423 O O   . GLU A 1 55 ? -9.076  -3.701  0.174   1.00 13.32 ? 855 GLU A O   1 
ATOM   424 C CB  . GLU A 1 55 ? -10.353 -2.016  2.311   1.00 12.01 ? 855 GLU A CB  1 
ATOM   425 C CG  . GLU A 1 55 ? -11.327 -1.326  3.255   1.00 12.16 ? 855 GLU A CG  1 
ATOM   426 C CD  . GLU A 1 55 ? -10.654 -0.686  4.460   1.00 13.71 ? 855 GLU A CD  1 
ATOM   427 O OE1 . GLU A 1 55 ? -10.302 -1.416  5.410   1.00 14.48 ? 855 GLU A OE1 1 
ATOM   428 O OE2 . GLU A 1 55 ? -10.476 0.553   4.457   1.00 14.69 ? 855 GLU A OE2 1 
ATOM   429 N N   . ASN A 1 56 ? -10.122 -2.213  -1.148  1.00 11.80 ? 856 ASN A N   1 
ATOM   430 C CA  . ASN A 1 56 ? -9.177  -2.379  -2.247  1.00 10.80 ? 856 ASN A CA  1 
ATOM   431 C C   . ASN A 1 56 ? -8.526  -1.063  -2.662  1.00 11.18 ? 856 ASN A C   1 
ATOM   432 O O   . ASN A 1 56 ? -8.017  -0.926  -3.775  1.00 11.93 ? 856 ASN A O   1 
ATOM   433 C CB  . ASN A 1 56 ? -9.854  -3.039  -3.452  1.00 11.75 ? 856 ASN A CB  1 
ATOM   434 C CG  . ASN A 1 56 ? -10.124 -4.524  -3.231  1.00 14.51 ? 856 ASN A CG  1 
ATOM   435 O OD1 . ASN A 1 56 ? -9.663  -5.114  -2.252  1.00 15.50 ? 856 ASN A OD1 1 
ATOM   436 N ND2 . ASN A 1 56 ? -10.868 -5.136  -4.150  1.00 15.40 ? 856 ASN A ND2 1 
ATOM   437 N N   . GLN A 1 57 ? -8.557  -0.093  -1.755  1.00 10.84 ? 857 GLN A N   1 
ATOM   438 C CA  . GLN A 1 57 ? -7.929  1.199   -1.982  1.00 10.38 ? 857 GLN A CA  1 
ATOM   439 C C   . GLN A 1 57 ? -7.787  1.916   -0.648  1.00 10.36 ? 857 GLN A C   1 
ATOM   440 O O   . GLN A 1 57 ? -8.460  1.572   0.323   1.00 10.48 ? 857 GLN A O   1 
ATOM   441 C CB  . GLN A 1 57 ? -8.749  2.055   -2.952  1.00 11.57 ? 857 GLN A CB  1 
ATOM   442 C CG  . GLN A 1 57 ? -10.100 2.488   -2.427  1.00 14.72 ? 857 GLN A CG  1 
ATOM   443 C CD  . GLN A 1 57 ? -10.829 3.403   -3.396  1.00 17.26 ? 857 GLN A CD  1 
ATOM   444 O OE1 . GLN A 1 57 ? -11.087 3.035   -4.539  1.00 20.73 ? 857 GLN A OE1 1 
ATOM   445 N NE2 . GLN A 1 57 ? -11.165 4.598   -2.942  1.00 18.16 ? 857 GLN A NE2 1 
ATOM   446 N N   . TYR A 1 58 ? -6.889  2.893   -0.604  1.00 9.68  ? 858 TYR A N   1 
ATOM   447 C CA  . TYR A 1 58 ? -6.654  3.690   0.591   1.00 8.78  ? 858 TYR A CA  1 
ATOM   448 C C   . TYR A 1 58 ? -6.020  5.003   0.174   1.00 9.20  ? 858 TYR A C   1 
ATOM   449 O O   . TYR A 1 58 ? -5.108  5.016   -0.644  1.00 9.80  ? 858 TYR A O   1 
ATOM   450 C CB  . TYR A 1 58 ? -5.713  2.982   1.565   1.00 8.22  ? 858 TYR A CB  1 
ATOM   451 C CG  . TYR A 1 58 ? -5.657  3.673   2.917   1.00 7.82  ? 858 TYR A CG  1 
ATOM   452 C CD1 . TYR A 1 58 ? -6.763  3.673   3.762   1.00 8.07  ? 858 TYR A CD1 1 
ATOM   453 C CD2 . TYR A 1 58 ? -4.518  4.364   3.325   1.00 7.49  ? 858 TYR A CD2 1 
ATOM   454 C CE1 . TYR A 1 58 ? -6.741  4.344   4.978   1.00 7.39  ? 858 TYR A CE1 1 
ATOM   455 C CE2 . TYR A 1 58 ? -4.483  5.042   4.537   1.00 7.02  ? 858 TYR A CE2 1 
ATOM   456 C CZ  . TYR A 1 58 ? -5.597  5.028   5.362   1.00 7.73  ? 858 TYR A CZ  1 
ATOM   457 O OH  . TYR A 1 58 ? -5.573  5.694   6.568   1.00 7.93  ? 858 TYR A OH  1 
ATOM   458 N N   . SER A 1 59 ? -6.518  6.097   0.743   1.00 9.20  ? 859 SER A N   1 
ATOM   459 C CA  . SER A 1 59 ? -6.020  7.437   0.471   1.00 8.75  ? 859 SER A CA  1 
ATOM   460 C C   . SER A 1 59 ? -5.073  7.852   1.594   1.00 9.99  ? 859 SER A C   1 
ATOM   461 O O   . SER A 1 59 ? -5.480  7.990   2.745   1.00 8.80  ? 859 SER A O   1 
ATOM   462 C CB  . SER A 1 59 ? -7.188  8.427   0.394   1.00 10.36 ? 859 SER A CB  1 
ATOM   463 O OG  . SER A 1 59 ? -6.724  9.765   0.283   1.00 11.90 ? 859 SER A OG  1 
ATOM   464 N N   . ILE A 1 60 ? -3.808  8.043   1.247   1.00 10.67 ? 860 ILE A N   1 
ATOM   465 C CA  . ILE A 1 60 ? -2.803  8.437   2.212   1.00 11.02 ? 860 ILE A CA  1 
ATOM   466 C C   . ILE A 1 60 ? -2.651  9.950   2.217   1.00 11.66 ? 860 ILE A C   1 
ATOM   467 O O   . ILE A 1 60 ? -2.592  10.578  1.158   1.00 10.59 ? 860 ILE A O   1 
ATOM   468 C CB  . ILE A 1 60 ? -1.467  7.770   1.878   1.00 11.75 ? 860 ILE A CB  1 
ATOM   469 C CG1 . ILE A 1 60 ? -1.585  6.271   2.140   1.00 12.71 ? 860 ILE A CG1 1 
ATOM   470 C CG2 . ILE A 1 60 ? -0.356  8.379   2.702   1.00 14.64 ? 860 ILE A CG2 1 
ATOM   471 C CD1 . ILE A 1 60 ? -0.349  5.500   1.829   1.00 19.83 ? 860 ILE A CD1 1 
ATOM   472 N N   . GLY A 1 61 ? -2.592  10.529  3.416   1.00 11.37 ? 861 GLY A N   1 
ATOM   473 C CA  . GLY A 1 61 ? -2.466  11.968  3.543   1.00 11.02 ? 861 GLY A CA  1 
ATOM   474 C C   . GLY A 1 61 ? -1.275  12.421  4.364   1.00 11.45 ? 861 GLY A C   1 
ATOM   475 O O   . GLY A 1 61 ? -0.532  11.604  4.909   1.00 8.70  ? 861 GLY A O   1 
ATOM   476 N N   . ASN A 1 62 ? -1.103  13.736  4.446   1.00 10.81 ? 862 ASN A N   1 
ATOM   477 C CA  . ASN A 1 62 ? 0.002   14.348  5.181   1.00 11.68 ? 862 ASN A CA  1 
ATOM   478 C C   . ASN A 1 62 ? 1.340   13.844  4.661   1.00 12.29 ? 862 ASN A C   1 
ATOM   479 O O   . ASN A 1 62 ? 2.205   13.422  5.436   1.00 12.82 ? 862 ASN A O   1 
ATOM   480 C CB  . ASN A 1 62 ? -0.101  14.068  6.687   1.00 12.63 ? 862 ASN A CB  1 
ATOM   481 C CG  . ASN A 1 62 ? 0.853   14.940  7.511   1.00 15.03 ? 862 ASN A CG  1 
ATOM   482 O OD1 . ASN A 1 62 ? 1.216   14.594  8.634   1.00 13.02 ? 862 ASN A OD1 1 
ATOM   483 N ND2 . ASN A 1 62 ? 1.248   16.085  6.952   1.00 13.49 ? 862 ASN A ND2 1 
ATOM   484 N N   . LEU A 1 63 ? 1.504   13.881  3.341   1.00 11.80 ? 863 LEU A N   1 
ATOM   485 C CA  . LEU A 1 63 ? 2.745   13.457  2.710   1.00 11.67 ? 863 LEU A CA  1 
ATOM   486 C C   . LEU A 1 63 ? 3.604   14.690  2.453   1.00 12.63 ? 863 LEU A C   1 
ATOM   487 O O   . LEU A 1 63 ? 3.106   15.813  2.454   1.00 12.95 ? 863 LEU A O   1 
ATOM   488 C CB  . LEU A 1 63 ? 2.456   12.745  1.385   1.00 9.24  ? 863 LEU A CB  1 
ATOM   489 C CG  . LEU A 1 63 ? 1.605   11.479  1.485   1.00 7.84  ? 863 LEU A CG  1 
ATOM   490 C CD1 . LEU A 1 63 ? 1.403   10.883  0.104   1.00 8.07  ? 863 LEU A CD1 1 
ATOM   491 C CD2 . LEU A 1 63 ? 2.296   10.481  2.405   1.00 9.30  ? 863 LEU A CD2 1 
ATOM   492 N N   . LYS A 1 64 ? 4.894   14.471  2.233   1.00 14.14 ? 864 LYS A N   1 
ATOM   493 C CA  . LYS A 1 64 ? 5.817   15.563  1.957   1.00 16.23 ? 864 LYS A CA  1 
ATOM   494 C C   . LYS A 1 64 ? 5.786   15.905  0.470   1.00 15.09 ? 864 LYS A C   1 
ATOM   495 O O   . LYS A 1 64 ? 5.872   15.017  -0.374  1.00 15.13 ? 864 LYS A O   1 
ATOM   496 C CB  . LYS A 1 64 ? 7.240   15.164  2.355   1.00 18.67 ? 864 LYS A CB  1 
ATOM   497 C CG  . LYS A 1 64 ? 7.403   14.881  3.838   1.00 26.17 ? 864 LYS A CG  1 
ATOM   498 C CD  . LYS A 1 64 ? 8.837   14.538  4.182   1.00 28.51 ? 864 LYS A CD  1 
ATOM   499 C CE  . LYS A 1 64 ? 9.789   15.639  3.753   1.00 31.39 ? 864 LYS A CE  1 
ATOM   500 N NZ  . LYS A 1 64 ? 11.197  15.304  4.107   1.00 33.76 ? 864 LYS A NZ  1 
ATOM   501 N N   . PRO A 1 65 ? 5.648   17.198  0.132   1.00 13.94 ? 865 PRO A N   1 
ATOM   502 C CA  . PRO A 1 65 ? 5.615   17.603  -1.275  1.00 14.72 ? 865 PRO A CA  1 
ATOM   503 C C   . PRO A 1 65 ? 6.905   17.233  -2.002  1.00 15.35 ? 865 PRO A C   1 
ATOM   504 O O   . PRO A 1 65 ? 7.970   17.134  -1.388  1.00 14.35 ? 865 PRO A O   1 
ATOM   505 C CB  . PRO A 1 65 ? 5.414   19.111  -1.189  1.00 14.43 ? 865 PRO A CB  1 
ATOM   506 C CG  . PRO A 1 65 ? 4.585   19.260  0.068   1.00 13.67 ? 865 PRO A CG  1 
ATOM   507 C CD  . PRO A 1 65 ? 5.297   18.330  1.012   1.00 15.30 ? 865 PRO A CD  1 
ATOM   508 N N   . ASP A 1 66 ? 6.797   17.019  -3.312  1.00 15.79 ? 866 ASP A N   1 
ATOM   509 C CA  . ASP A 1 66 ? 7.942   16.670  -4.143  1.00 15.79 ? 866 ASP A CA  1 
ATOM   510 C C   . ASP A 1 66 ? 8.896   15.698  -3.449  1.00 16.06 ? 866 ASP A C   1 
ATOM   511 O O   . ASP A 1 66 ? 10.085  15.979  -3.295  1.00 18.44 ? 866 ASP A O   1 
ATOM   512 C CB  . ASP A 1 66 ? 8.688   17.947  -4.545  1.00 17.26 ? 866 ASP A CB  1 
ATOM   513 C CG  . ASP A 1 66 ? 9.731   17.705  -5.623  1.00 18.84 ? 866 ASP A CG  1 
ATOM   514 O OD1 . ASP A 1 66 ? 9.432   16.984  -6.600  1.00 19.33 ? 866 ASP A OD1 1 
ATOM   515 O OD2 . ASP A 1 66 ? 10.848  18.249  -5.501  1.00 22.59 ? 866 ASP A OD2 1 
ATOM   516 N N   . THR A 1 67 ? 8.371   14.550  -3.034  1.00 15.47 ? 867 THR A N   1 
ATOM   517 C CA  . THR A 1 67 ? 9.176   13.541  -2.358  1.00 14.61 ? 867 THR A CA  1 
ATOM   518 C C   . THR A 1 67 ? 8.796   12.168  -2.876  1.00 14.27 ? 867 THR A C   1 
ATOM   519 O O   . THR A 1 67 ? 7.626   11.902  -3.124  1.00 13.76 ? 867 THR A O   1 
ATOM   520 C CB  . THR A 1 67 ? 8.945   13.573  -0.839  1.00 13.19 ? 867 THR A CB  1 
ATOM   521 O OG1 . THR A 1 67 ? 9.310   14.859  -0.335  1.00 12.66 ? 867 THR A OG1 1 
ATOM   522 C CG2 . THR A 1 67 ? 9.782   12.506  -0.143  1.00 14.05 ? 867 THR A CG2 1 
ATOM   523 N N   . GLU A 1 68 ? 9.792   11.303  -3.043  1.00 14.05 ? 868 GLU A N   1 
ATOM   524 C CA  . GLU A 1 68 ? 9.550   9.952   -3.535  1.00 14.22 ? 868 GLU A CA  1 
ATOM   525 C C   . GLU A 1 68 ? 9.187   8.985   -2.412  1.00 13.41 ? 868 GLU A C   1 
ATOM   526 O O   . GLU A 1 68 ? 9.952   8.784   -1.467  1.00 13.39 ? 868 GLU A O   1 
ATOM   527 C CB  . GLU A 1 68 ? 10.775  9.428   -4.286  1.00 13.41 ? 868 GLU A CB  1 
ATOM   528 C CG  . GLU A 1 68 ? 10.572  8.047   -4.878  1.00 16.49 ? 868 GLU A CG  1 
ATOM   529 C CD  . GLU A 1 68 ? 11.662  7.677   -5.860  1.00 17.52 ? 868 GLU A CD  1 
ATOM   530 O OE1 . GLU A 1 68 ? 12.848  7.740   -5.476  1.00 18.84 ? 868 GLU A OE1 1 
ATOM   531 O OE2 . GLU A 1 68 ? 11.330  7.327   -7.010  1.00 19.12 ? 868 GLU A OE2 1 
ATOM   532 N N   . TYR A 1 69 ? 8.006   8.389   -2.537  1.00 12.54 ? 869 TYR A N   1 
ATOM   533 C CA  . TYR A 1 69 ? 7.500   7.437   -1.563  1.00 11.68 ? 869 TYR A CA  1 
ATOM   534 C C   . TYR A 1 69 ? 7.463   6.025   -2.122  1.00 13.05 ? 869 TYR A C   1 
ATOM   535 O O   . TYR A 1 69 ? 7.477   5.811   -3.338  1.00 10.76 ? 869 TYR A O   1 
ATOM   536 C CB  . TYR A 1 69 ? 6.075   7.811   -1.142  1.00 10.75 ? 869 TYR A CB  1 
ATOM   537 C CG  . TYR A 1 69 ? 6.004   8.920   -0.126  1.00 9.92  ? 869 TYR A CG  1 
ATOM   538 C CD1 . TYR A 1 69 ? 6.212   10.247  -0.494  1.00 11.48 ? 869 TYR A CD1 1 
ATOM   539 C CD2 . TYR A 1 69 ? 5.774   8.636   1.213   1.00 11.27 ? 869 TYR A CD2 1 
ATOM   540 C CE1 . TYR A 1 69 ? 6.192   11.267  0.455   1.00 10.89 ? 869 TYR A CE1 1 
ATOM   541 C CE2 . TYR A 1 69 ? 5.758   9.640   2.166   1.00 13.14 ? 869 TYR A CE2 1 
ATOM   542 C CZ  . TYR A 1 69 ? 5.966   10.951  1.782   1.00 12.46 ? 869 TYR A CZ  1 
ATOM   543 O OH  . TYR A 1 69 ? 5.940   11.942  2.738   1.00 15.88 ? 869 TYR A OH  1 
ATOM   544 N N   . GLU A 1 70 ? 7.427   5.060   -1.213  1.00 12.88 ? 870 GLU A N   1 
ATOM   545 C CA  . GLU A 1 70 ? 7.310   3.669   -1.606  1.00 13.41 ? 870 GLU A CA  1 
ATOM   546 C C   . GLU A 1 70 ? 6.159   3.085   -0.798  1.00 12.31 ? 870 GLU A C   1 
ATOM   547 O O   . GLU A 1 70 ? 6.061   3.295   0.412   1.00 11.71 ? 870 GLU A O   1 
ATOM   548 C CB  . GLU A 1 70 ? 8.590   2.880   -1.332  1.00 14.59 ? 870 GLU A CB  1 
ATOM   549 C CG  . GLU A 1 70 ? 8.476   1.428   -1.795  1.00 18.95 ? 870 GLU A CG  1 
ATOM   550 C CD  . GLU A 1 70 ? 9.780   0.658   -1.700  1.00 20.48 ? 870 GLU A CD  1 
ATOM   551 O OE1 . GLU A 1 70 ? 10.297  0.511   -0.575  1.00 23.05 ? 870 GLU A OE1 1 
ATOM   552 O OE2 . GLU A 1 70 ? 10.280  0.195   -2.752  1.00 22.95 ? 870 GLU A OE2 1 
ATOM   553 N N   . VAL A 1 71 ? 5.274   2.378   -1.489  1.00 12.86 ? 871 VAL A N   1 
ATOM   554 C CA  . VAL A 1 71 ? 4.131   1.741   -0.858  1.00 12.14 ? 871 VAL A CA  1 
ATOM   555 C C   . VAL A 1 71 ? 4.336   0.235   -0.966  1.00 12.70 ? 871 VAL A C   1 
ATOM   556 O O   . VAL A 1 71 ? 4.903   -0.254  -1.945  1.00 14.13 ? 871 VAL A O   1 
ATOM   557 C CB  . VAL A 1 71 ? 2.817   2.128   -1.559  0.46 10.47 ? 871 VAL A CB  1 
ATOM   558 C CG1 . VAL A 1 71 ? 1.647   1.452   -0.876  0.46 11.14 ? 871 VAL A CG1 1 
ATOM   559 C CG2 . VAL A 1 71 ? 2.648   3.635   -1.539  0.46 10.71 ? 871 VAL A CG2 1 
ATOM   560 N N   . SER A 1 72 ? 3.884   -0.488  0.051   1.00 13.83 ? 872 SER A N   1 
ATOM   561 C CA  . SER A 1 72 ? 4.002   -1.939  0.093   1.00 14.14 ? 872 SER A CA  1 
ATOM   562 C C   . SER A 1 72 ? 2.672   -2.510  0.574   1.00 13.88 ? 872 SER A C   1 
ATOM   563 O O   . SER A 1 72 ? 2.099   -2.018  1.546   1.00 14.68 ? 872 SER A O   1 
ATOM   564 C CB  . SER A 1 72 ? 5.124   -2.341  1.054   1.00 16.12 ? 872 SER A CB  1 
ATOM   565 O OG  . SER A 1 72 ? 5.260   -3.748  1.111   1.00 21.50 ? 872 SER A OG  1 
ATOM   566 N N   . LEU A 1 73 ? 2.178   -3.533  -0.120  1.00 13.63 ? 873 LEU A N   1 
ATOM   567 C CA  . LEU A 1 73 ? 0.911   -4.175  0.229   1.00 12.41 ? 873 LEU A CA  1 
ATOM   568 C C   . LEU A 1 73 ? 1.090   -5.662  0.486   1.00 12.00 ? 873 LEU A C   1 
ATOM   569 O O   . LEU A 1 73 ? 1.769   -6.362  -0.267  1.00 9.66  ? 873 LEU A O   1 
ATOM   570 C CB  . LEU A 1 73 ? -0.117  -4.005  -0.895  1.00 12.85 ? 873 LEU A CB  1 
ATOM   571 C CG  . LEU A 1 73 ? -1.338  -3.120  -0.633  1.00 17.30 ? 873 LEU A CG  1 
ATOM   572 C CD1 . LEU A 1 73 ? -2.165  -3.671  0.522   1.00 15.78 ? 873 LEU A CD1 1 
ATOM   573 C CD2 . LEU A 1 73 ? -0.867  -1.713  -0.324  1.00 17.53 ? 873 LEU A CD2 1 
ATOM   574 N N   . ILE A 1 74 ? 0.461   -6.138  1.550   1.00 10.73 ? 874 ILE A N   1 
ATOM   575 C CA  . ILE A 1 74 ? 0.525   -7.537  1.905   1.00 11.90 ? 874 ILE A CA  1 
ATOM   576 C C   . ILE A 1 74 ? -0.885  -8.046  2.143   1.00 11.86 ? 874 ILE A C   1 
ATOM   577 O O   . ILE A 1 74 ? -1.722  -7.327  2.676   1.00 11.69 ? 874 ILE A O   1 
ATOM   578 C CB  . ILE A 1 74 ? 1.340   -7.742  3.195   1.00 13.66 ? 874 ILE A CB  1 
ATOM   579 C CG1 . ILE A 1 74 ? 2.810   -7.419  2.938   1.00 14.67 ? 874 ILE A CG1 1 
ATOM   580 C CG2 . ILE A 1 74 ? 1.190   -9.162  3.690   1.00 18.19 ? 874 ILE A CG2 1 
ATOM   581 C CD1 . ILE A 1 74 ? 3.655   -7.467  4.187   1.00 17.73 ? 874 ILE A CD1 1 
ATOM   582 N N   . SER A 1 75 ? -1.155  -9.276  1.716   1.00 11.15 ? 875 SER A N   1 
ATOM   583 C CA  . SER A 1 75 ? -2.453  -9.893  1.955   1.00 11.36 ? 875 SER A CA  1 
ATOM   584 C C   . SER A 1 75 ? -2.296  -10.583 3.307   1.00 13.09 ? 875 SER A C   1 
ATOM   585 O O   . SER A 1 75 ? -1.232  -11.131 3.612   1.00 10.93 ? 875 SER A O   1 
ATOM   586 C CB  . SER A 1 75 ? -2.775  -10.947 0.891   1.00 9.20  ? 875 SER A CB  1 
ATOM   587 O OG  . SER A 1 75 ? -2.906  -10.367 -0.391  1.00 11.36 ? 875 SER A OG  1 
ATOM   588 N N   . ARG A 1 76 ? -3.343  -10.562 4.120   1.00 14.01 ? 876 ARG A N   1 
ATOM   589 C CA  . ARG A 1 76 ? -3.264  -11.191 5.426   1.00 16.88 ? 876 ARG A CA  1 
ATOM   590 C C   . ARG A 1 76 ? -4.318  -12.262 5.659   1.00 17.18 ? 876 ARG A C   1 
ATOM   591 O O   . ARG A 1 76 ? -5.466  -12.122 5.244   1.00 15.20 ? 876 ARG A O   1 
ATOM   592 C CB  . ARG A 1 76 ? -3.371  -10.135 6.531   1.00 19.80 ? 876 ARG A CB  1 
ATOM   593 C CG  . ARG A 1 76 ? -2.191  -9.183  6.601   1.00 23.89 ? 876 ARG A CG  1 
ATOM   594 C CD  . ARG A 1 76 ? -0.883  -9.954  6.657   1.00 29.41 ? 876 ARG A CD  1 
ATOM   595 N NE  . ARG A 1 76 ? -0.879  -10.956 7.722   1.00 34.48 ? 876 ARG A NE  1 
ATOM   596 C CZ  . ARG A 1 76 ? -0.839  -10.675 9.023   1.00 36.92 ? 876 ARG A CZ  1 
ATOM   597 N NH1 . ARG A 1 76 ? -0.797  -9.416  9.432   1.00 39.66 ? 876 ARG A NH1 1 
ATOM   598 N NH2 . ARG A 1 76 ? -0.840  -11.653 9.920   1.00 38.24 ? 876 ARG A NH2 1 
ATOM   599 N N   . ARG A 1 77 ? -3.900  -13.344 6.309   1.00 17.28 ? 877 ARG A N   1 
ATOM   600 C CA  . ARG A 1 77 ? -4.803  -14.427 6.654   1.00 19.67 ? 877 ARG A CA  1 
ATOM   601 C C   . ARG A 1 77 ? -4.276  -15.168 7.875   1.00 21.16 ? 877 ARG A C   1 
ATOM   602 O O   . ARG A 1 77 ? -3.331  -15.945 7.778   1.00 20.97 ? 877 ARG A O   1 
ATOM   603 C CB  . ARG A 1 77 ? -4.975  -15.414 5.501   1.00 18.34 ? 877 ARG A CB  1 
ATOM   604 C CG  . ARG A 1 77 ? -6.084  -16.430 5.769   1.00 19.20 ? 877 ARG A CG  1 
ATOM   605 C CD  . ARG A 1 77 ? -5.950  -17.643 4.878   1.00 21.33 ? 877 ARG A CD  1 
ATOM   606 N NE  . ARG A 1 77 ? -6.108  -17.290 3.479   1.00 21.40 ? 877 ARG A NE  1 
ATOM   607 C CZ  . ARG A 1 77 ? -5.407  -17.832 2.497   1.00 18.20 ? 877 ARG A CZ  1 
ATOM   608 N NH1 . ARG A 1 77 ? -4.493  -18.757 2.771   1.00 17.25 ? 877 ARG A NH1 1 
ATOM   609 N NH2 . ARG A 1 77 ? -5.615  -17.442 1.250   1.00 17.97 ? 877 ARG A NH2 1 
ATOM   610 N N   . GLY A 1 78 ? -4.885  -14.893 9.026   1.00 23.68 ? 878 GLY A N   1 
ATOM   611 C CA  . GLY A 1 78 ? -4.516  -15.538 10.279  1.00 25.74 ? 878 GLY A CA  1 
ATOM   612 C C   . GLY A 1 78 ? -3.052  -15.731 10.640  1.00 27.40 ? 878 GLY A C   1 
ATOM   613 O O   . GLY A 1 78 ? -2.532  -16.853 10.593  1.00 29.65 ? 878 GLY A O   1 
ATOM   614 N N   . ASP A 1 79 ? -2.393  -14.646 11.034  1.00 26.83 ? 879 ASP A N   1 
ATOM   615 C CA  . ASP A 1 79 ? -0.988  -14.691 11.422  1.00 26.00 ? 879 ASP A CA  1 
ATOM   616 C C   . ASP A 1 79 ? -0.084  -14.929 10.214  1.00 23.48 ? 879 ASP A C   1 
ATOM   617 O O   . ASP A 1 79 ? 1.139   -14.874 10.328  1.00 25.30 ? 879 ASP A O   1 
ATOM   618 C CB  . ASP A 1 79 ? -0.746  -15.789 12.477  1.00 29.44 ? 879 ASP A CB  1 
ATOM   619 C CG  . ASP A 1 79 ? -1.388  -15.470 13.837  1.00 34.89 ? 879 ASP A CG  1 
ATOM   620 O OD1 . ASP A 1 79 ? -1.035  -14.438 14.459  1.00 36.02 ? 879 ASP A OD1 1 
ATOM   621 O OD2 . ASP A 1 79 ? -2.245  -16.264 14.290  1.00 37.36 ? 879 ASP A OD2 1 
ATOM   622 N N   . MET A 1 80 ? -0.685  -15.186 9.057   1.00 20.21 ? 880 MET A N   1 
ATOM   623 C CA  . MET A 1 80 ? 0.081   -15.433 7.842   1.00 16.97 ? 880 MET A CA  1 
ATOM   624 C C   . MET A 1 80 ? 0.014   -14.240 6.907   1.00 15.59 ? 880 MET A C   1 
ATOM   625 O O   . MET A 1 80 ? -1.009  -13.568 6.820   1.00 14.37 ? 880 MET A O   1 
ATOM   626 C CB  . MET A 1 80 ? -0.448  -16.676 7.130   0.89 18.48 ? 880 MET A CB  1 
ATOM   627 C CG  . MET A 1 80 ? -0.419  -17.926 7.993   0.89 20.61 ? 880 MET A CG  1 
ATOM   628 S SD  . MET A 1 80 ? -1.107  -19.345 7.140   0.89 23.97 ? 880 MET A SD  1 
ATOM   629 C CE  . MET A 1 80 ? -2.844  -19.025 7.281   0.89 21.85 ? 880 MET A CE  1 
ATOM   630 N N   . SER A 1 81 ? 1.113   -13.986 6.206   1.00 13.86 ? 881 SER A N   1 
ATOM   631 C CA  . SER A 1 81 ? 1.190   -12.869 5.277   1.00 13.69 ? 881 SER A CA  1 
ATOM   632 C C   . SER A 1 81 ? 1.762   -13.304 3.937   1.00 12.52 ? 881 SER A C   1 
ATOM   633 O O   . SER A 1 81 ? 2.595   -14.204 3.861   1.00 10.46 ? 881 SER A O   1 
ATOM   634 C CB  . SER A 1 81 ? 2.083   -11.761 5.846   1.00 15.29 ? 881 SER A CB  1 
ATOM   635 O OG  . SER A 1 81 ? 1.674   -11.369 7.143   1.00 15.86 ? 881 SER A OG  1 
ATOM   636 N N   . SER A 1 82 ? 1.305   -12.648 2.880   1.00 11.97 ? 882 SER A N   1 
ATOM   637 C CA  . SER A 1 82 ? 1.798   -12.930 1.540   1.00 12.73 ? 882 SER A CA  1 
ATOM   638 C C   . SER A 1 82 ? 3.076   -12.107 1.397   1.00 11.71 ? 882 SER A C   1 
ATOM   639 O O   . SER A 1 82 ? 3.399   -11.310 2.278   1.00 10.92 ? 882 SER A O   1 
ATOM   640 C CB  . SER A 1 82 ? 0.799   -12.432 0.497   1.00 11.20 ? 882 SER A CB  1 
ATOM   641 O OG  . SER A 1 82 ? 0.792   -11.008 0.476   1.00 12.83 ? 882 SER A OG  1 
ATOM   642 N N   . ASN A 1 83 ? 3.808   -12.310 0.301   1.00 10.99 ? 883 ASN A N   1 
ATOM   643 C CA  . ASN A 1 83 ? 5.000   -11.506 0.046   1.00 10.10 ? 883 ASN A CA  1 
ATOM   644 C C   . ASN A 1 83 ? 4.457   -10.113 -0.248  1.00 10.35 ? 883 ASN A C   1 
ATOM   645 O O   . ASN A 1 83 ? 3.294   -9.959  -0.633  1.00 9.71  ? 883 ASN A O   1 
ATOM   646 C CB  . ASN A 1 83 ? 5.758   -11.993 -1.195  1.00 9.94  ? 883 ASN A CB  1 
ATOM   647 C CG  . ASN A 1 83 ? 6.634   -13.187 -0.918  1.00 10.77 ? 883 ASN A CG  1 
ATOM   648 O OD1 . ASN A 1 83 ? 7.847   -13.152 -1.150  1.00 13.27 ? 883 ASN A OD1 1 
ATOM   649 N ND2 . ASN A 1 83 ? 6.033   -14.257 -0.429  1.00 8.75  ? 883 ASN A ND2 1 
ATOM   650 N N   . PRO A 1 84 ? 5.284   -9.077  -0.068  1.00 9.95  ? 884 PRO A N   1 
ATOM   651 C CA  . PRO A 1 84 ? 4.751   -7.742  -0.362  1.00 11.46 ? 884 PRO A CA  1 
ATOM   652 C C   . PRO A 1 84 ? 4.782   -7.366  -1.846  1.00 11.47 ? 884 PRO A C   1 
ATOM   653 O O   . PRO A 1 84 ? 5.652   -7.808  -2.596  1.00 10.92 ? 884 PRO A O   1 
ATOM   654 C CB  . PRO A 1 84 ? 5.621   -6.818  0.499   1.00 13.22 ? 884 PRO A CB  1 
ATOM   655 C CG  . PRO A 1 84 ? 6.916   -7.571  0.633   1.00 13.83 ? 884 PRO A CG  1 
ATOM   656 C CD  . PRO A 1 84 ? 6.502   -9.013  0.761   1.00 11.83 ? 884 PRO A CD  1 
ATOM   657 N N   . ALA A 1 85 ? 3.794   -6.582  -2.264  1.00 10.99 ? 885 ALA A N   1 
ATOM   658 C CA  . ALA A 1 85 ? 3.707   -6.080  -3.633  1.00 11.05 ? 885 ALA A CA  1 
ATOM   659 C C   . ALA A 1 85 ? 4.036   -4.597  -3.445  1.00 11.76 ? 885 ALA A C   1 
ATOM   660 O O   . ALA A 1 85 ? 3.432   -3.934  -2.600  1.00 11.37 ? 885 ALA A O   1 
ATOM   661 C CB  . ALA A 1 85 ? 2.295   -6.253  -4.176  1.00 11.09 ? 885 ALA A CB  1 
ATOM   662 N N   . LYS A 1 86 ? 4.989   -4.076  -4.212  1.00 11.32 ? 886 LYS A N   1 
ATOM   663 C CA  . LYS A 1 86 ? 5.393   -2.685  -4.045  1.00 11.75 ? 886 LYS A CA  1 
ATOM   664 C C   . LYS A 1 86 ? 5.271   -1.775  -5.265  1.00 11.02 ? 886 LYS A C   1 
ATOM   665 O O   . LYS A 1 86 ? 5.207   -2.236  -6.402  1.00 9.62  ? 886 LYS A O   1 
ATOM   666 C CB  . LYS A 1 86 ? 6.841   -2.629  -3.539  1.00 15.67 ? 886 LYS A CB  1 
ATOM   667 C CG  . LYS A 1 86 ? 7.029   -3.027  -2.078  1.00 21.75 ? 886 LYS A CG  1 
ATOM   668 C CD  . LYS A 1 86 ? 8.502   -2.924  -1.661  1.00 25.17 ? 886 LYS A CD  1 
ATOM   669 C CE  . LYS A 1 86 ? 8.683   -2.883  -0.131  1.00 26.55 ? 886 LYS A CE  1 
ATOM   670 N NZ  . LYS A 1 86 ? 8.283   -4.133  0.582   1.00 27.48 ? 886 LYS A NZ  1 
ATOM   671 N N   . GLU A 1 87 ? 5.231   -0.473  -4.993  1.00 9.84  ? 887 GLU A N   1 
ATOM   672 C CA  . GLU A 1 87 ? 5.158   0.561   -6.026  1.00 11.24 ? 887 GLU A CA  1 
ATOM   673 C C   . GLU A 1 87 ? 5.788   1.831   -5.465  1.00 10.57 ? 887 GLU A C   1 
ATOM   674 O O   . GLU A 1 87 ? 5.778   2.057   -4.253  1.00 11.51 ? 887 GLU A O   1 
ATOM   675 C CB  . GLU A 1 87 ? 3.704   0.837   -6.443  1.00 13.09 ? 887 GLU A CB  1 
ATOM   676 C CG  . GLU A 1 87 ? 3.532   1.924   -7.519  1.00 16.88 ? 887 GLU A CG  1 
ATOM   677 C CD  . GLU A 1 87 ? 4.262   1.611   -8.828  1.00 22.47 ? 887 GLU A CD  1 
ATOM   678 O OE1 . GLU A 1 87 ? 5.511   1.719   -8.874  1.00 22.54 ? 887 GLU A OE1 1 
ATOM   679 O OE2 . GLU A 1 87 ? 3.584   1.254   -9.819  1.00 26.62 ? 887 GLU A OE2 1 
ATOM   680 N N   . THR A 1 88 ? 6.350   2.646   -6.349  1.00 9.97  ? 888 THR A N   1 
ATOM   681 C CA  . THR A 1 88 ? 6.981   3.895   -5.955  1.00 10.61 ? 888 THR A CA  1 
ATOM   682 C C   . THR A 1 88 ? 6.310   5.048   -6.700  1.00 11.89 ? 888 THR A C   1 
ATOM   683 O O   . THR A 1 88 ? 5.887   4.895   -7.851  1.00 13.24 ? 888 THR A O   1 
ATOM   684 C CB  . THR A 1 88 ? 8.488   3.872   -6.297  0.54 9.44  ? 888 THR A CB  1 
ATOM   685 O OG1 . THR A 1 88 ? 9.114   2.787   -5.603  0.54 8.84  ? 888 THR A OG1 1 
ATOM   686 C CG2 . THR A 1 88 ? 9.156   5.172   -5.900  0.54 9.27  ? 888 THR A CG2 1 
ATOM   687 N N   . PHE A 1 89 ? 6.192   6.194   -6.037  1.00 10.59 ? 889 PHE A N   1 
ATOM   688 C CA  . PHE A 1 89 ? 5.600   7.379   -6.656  1.00 10.80 ? 889 PHE A CA  1 
ATOM   689 C C   . PHE A 1 89 ? 6.184   8.643   -6.028  1.00 11.03 ? 889 PHE A C   1 
ATOM   690 O O   . PHE A 1 89 ? 6.748   8.594   -4.935  1.00 10.28 ? 889 PHE A O   1 
ATOM   691 C CB  . PHE A 1 89 ? 4.068   7.388   -6.507  1.00 11.09 ? 889 PHE A CB  1 
ATOM   692 C CG  . PHE A 1 89 ? 3.584   7.642   -5.099  1.00 11.36 ? 889 PHE A CG  1 
ATOM   693 C CD1 . PHE A 1 89 ? 3.525   6.610   -4.170  1.00 11.03 ? 889 PHE A CD1 1 
ATOM   694 C CD2 . PHE A 1 89 ? 3.179   8.922   -4.712  1.00 12.71 ? 889 PHE A CD2 1 
ATOM   695 C CE1 . PHE A 1 89 ? 3.068   6.847   -2.875  1.00 9.96  ? 889 PHE A CE1 1 
ATOM   696 C CE2 . PHE A 1 89 ? 2.722   9.169   -3.417  1.00 11.85 ? 889 PHE A CE2 1 
ATOM   697 C CZ  . PHE A 1 89 ? 2.667   8.132   -2.500  1.00 11.28 ? 889 PHE A CZ  1 
ATOM   698 N N   . THR A 1 90 ? 6.057   9.767   -6.730  1.00 10.48 ? 890 THR A N   1 
ATOM   699 C CA  . THR A 1 90 ? 6.566   11.040  -6.234  1.00 10.31 ? 890 THR A CA  1 
ATOM   700 C C   . THR A 1 90 ? 5.428   12.056  -6.132  1.00 11.05 ? 890 THR A C   1 
ATOM   701 O O   . THR A 1 90 ? 4.712   12.292  -7.103  1.00 12.33 ? 890 THR A O   1 
ATOM   702 C CB  . THR A 1 90 ? 7.662   11.596  -7.164  0.28 6.66  ? 890 THR A CB  1 
ATOM   703 O OG1 . THR A 1 90 ? 8.727   10.643  -7.266  0.28 3.71  ? 890 THR A OG1 1 
ATOM   704 C CG2 . THR A 1 90 ? 8.216   12.902  -6.617  0.28 4.58  ? 890 THR A CG2 1 
ATOM   705 N N   . THR A 1 91 ? 5.255   12.631  -4.944  1.00 11.79 ? 891 THR A N   1 
ATOM   706 C CA  . THR A 1 91 ? 4.216   13.632  -4.707  1.00 14.32 ? 891 THR A CA  1 
ATOM   707 C C   . THR A 1 91 ? 4.506   14.886  -5.544  1.00 17.47 ? 891 THR A C   1 
ATOM   708 O O   . THR A 1 91 ? 5.655   15.118  -5.941  1.00 16.88 ? 891 THR A O   1 
ATOM   709 C CB  . THR A 1 91 ? 4.167   14.010  -3.222  1.00 13.93 ? 891 THR A CB  1 
ATOM   710 O OG1 . THR A 1 91 ? 5.501   14.238  -2.749  1.00 12.18 ? 891 THR A OG1 1 
ATOM   711 C CG2 . THR A 1 91 ? 3.527   12.895  -2.414  1.00 14.57 ? 891 THR A CG2 1 
ATOM   712 N N   . GLY A 1 92 ? 3.484   15.702  -5.795  1.00 18.42 ? 892 GLY A N   1 
ATOM   713 C CA  . GLY A 1 92 ? 3.696   16.878  -6.627  1.00 24.72 ? 892 GLY A CA  1 
ATOM   714 C C   . GLY A 1 92 ? 3.602   18.278  -6.045  1.00 28.10 ? 892 GLY A C   1 
ATOM   715 O O   . GLY A 1 92 ? 2.559   18.675  -5.540  1.00 32.32 ? 892 GLY A O   1 
ATOM   716 N N   . LEU A 1 93 ? 4.699   19.023  -6.170  1.00 29.01 ? 893 LEU A N   1 
ATOM   717 C CA  . LEU A 1 93 ? 4.860   20.410  -5.696  1.00 29.32 ? 893 LEU A CA  1 
ATOM   718 C C   . LEU A 1 93 ? 3.693   21.105  -4.983  1.00 29.32 ? 893 LEU A C   1 
ATOM   719 O O   . LEU A 1 93 ? 2.530   20.968  -5.417  1.00 28.71 ? 893 LEU A O   1 
ATOM   720 C CB  . LEU A 1 93 ? 5.300   21.286  -6.873  1.00 29.82 ? 893 LEU A CB  1 
ATOM   721 C CG  . LEU A 1 93 ? 6.415   20.696  -7.745  1.00 29.33 ? 893 LEU A CG  1 
ATOM   722 C CD1 . LEU A 1 93 ? 6.729   21.669  -8.872  1.00 30.80 ? 893 LEU A CD1 1 
ATOM   723 C CD2 . LEU A 1 93 ? 7.658   20.414  -6.912  1.00 28.62 ? 893 LEU A CD2 1 
HETATM 724 O O   . HOH B 2 .  ? -0.567  9.921   6.537   1.00 3.35  ? 905 HOH A O   1 
HETATM 725 O O   . HOH B 2 .  ? -4.454  -10.334 -7.693  1.00 10.39 ? 906 HOH A O   1 
HETATM 726 O O   . HOH B 2 .  ? -4.014  -14.197 -6.459  1.00 10.58 ? 907 HOH A O   1 
HETATM 727 O O   . HOH B 2 .  ? -3.017  8.608   5.904   1.00 10.48 ? 908 HOH A O   1 
HETATM 728 O O   . HOH B 2 .  ? -2.614  -11.883 -6.916  1.00 7.35  ? 909 HOH A O   1 
HETATM 729 O O   . HOH B 2 .  ? -8.263  6.466   7.541   1.00 8.52  ? 910 HOH A O   1 
HETATM 730 O O   . HOH B 2 .  ? -1.429  7.199   8.189   1.00 9.54  ? 911 HOH A O   1 
HETATM 731 O O   . HOH B 2 .  ? 2.665   -3.948  4.608   1.00 13.63 ? 912 HOH A O   1 
HETATM 732 O O   . HOH B 2 .  ? -5.332  -1.219  -8.970  1.00 15.12 ? 913 HOH A O   1 
HETATM 733 O O   . HOH B 2 .  ? -5.040  12.262  -3.370  1.00 13.51 ? 914 HOH A O   1 
HETATM 734 O O   . HOH B 2 .  ? 4.989   6.940   7.091   1.00 12.13 ? 915 HOH A O   1 
HETATM 735 O O   . HOH B 2 .  ? 1.614   10.892  6.920   1.00 12.94 ? 916 HOH A O   1 
HETATM 736 O O   . HOH B 2 .  ? -3.024  16.035  3.559   1.00 20.69 ? 917 HOH A O   1 
HETATM 737 O O   . HOH B 2 .  ? 6.316   10.619  5.174   1.00 15.30 ? 918 HOH A O   1 
HETATM 738 O O   . HOH B 2 .  ? -8.723  10.045  -4.434  1.00 17.86 ? 919 HOH A O   1 
HETATM 739 O O   . HOH B 2 .  ? -11.454 -12.220 0.804   1.00 25.96 ? 920 HOH A O   1 
HETATM 740 O O   . HOH B 2 .  ? -12.846 1.649   6.503   1.00 42.29 ? 921 HOH A O   1 
HETATM 741 O O   . HOH B 2 .  ? -9.105  5.356   2.237   1.00 21.16 ? 922 HOH A O   1 
HETATM 742 O O   . HOH B 2 .  ? 0.729   -18.616 -2.421  1.00 18.89 ? 923 HOH A O   1 
HETATM 743 O O   . HOH B 2 .  ? 0.980   3.503   -10.440 1.00 26.36 ? 924 HOH A O   1 
HETATM 744 O O   . HOH B 2 .  ? -11.967 -0.568  -2.115  1.00 20.53 ? 925 HOH A O   1 
HETATM 745 O O   . HOH B 2 .  ? 19.870  6.580   2.053   1.00 52.70 ? 926 HOH A O   1 
HETATM 746 O O   . HOH B 2 .  ? -6.643  10.112  -2.527  1.00 15.00 ? 927 HOH A O   1 
HETATM 747 O O   . HOH B 2 .  ? 3.517   -3.713  -7.617  1.00 13.63 ? 928 HOH A O   1 
HETATM 748 O O   . HOH B 2 .  ? 2.291   -16.869 -3.900  1.00 16.16 ? 929 HOH A O   1 
HETATM 749 O O   . HOH B 2 .  ? 4.916   3.302   12.132  1.00 20.13 ? 930 HOH A O   1 
HETATM 750 O O   . HOH B 2 .  ? -10.050 2.028   2.232   1.00 19.65 ? 931 HOH A O   1 
HETATM 751 O O   . HOH B 2 .  ? -6.559  15.478  -1.621  1.00 20.01 ? 932 HOH A O   1 
HETATM 752 O O   . HOH B 2 .  ? 12.546  12.325  -3.093  1.00 24.54 ? 933 HOH A O   1 
HETATM 753 O O   . HOH B 2 .  ? -14.308 2.519   -5.178  1.00 33.35 ? 934 HOH A O   1 
HETATM 754 O O   . HOH B 2 .  ? 3.908   -17.640 -2.098  1.00 24.50 ? 935 HOH A O   1 
HETATM 755 O O   . HOH B 2 .  ? 3.942   9.468   6.992   1.00 29.04 ? 936 HOH A O   1 
HETATM 756 O O   . HOH B 2 .  ? 5.897   0.413   9.989   1.00 25.35 ? 937 HOH A O   1 
HETATM 757 O O   . HOH B 2 .  ? 2.392   -16.908 1.031   1.00 21.63 ? 938 HOH A O   1 
HETATM 758 O O   . HOH B 2 .  ? 5.596   -10.478 4.252   1.00 20.89 ? 939 HOH A O   1 
HETATM 759 O O   . HOH B 2 .  ? 11.936  15.049  -6.493  1.00 37.56 ? 940 HOH A O   1 
HETATM 760 O O   . HOH B 2 .  ? -7.127  -2.284  -11.180 1.00 41.21 ? 941 HOH A O   1 
HETATM 761 O O   . HOH B 2 .  ? 4.593   11.584  8.473   1.00 28.16 ? 942 HOH A O   1 
HETATM 762 O O   . HOH B 2 .  ? -10.617 -15.091 5.240   1.00 35.42 ? 943 HOH A O   1 
HETATM 763 O O   . HOH B 2 .  ? -10.475 5.434   6.234   1.00 13.73 ? 944 HOH A O   1 
HETATM 764 O O   . HOH B 2 .  ? -11.648 -9.505  8.187   1.00 37.07 ? 945 HOH A O   1 
HETATM 765 O O   . HOH B 2 .  ? -8.281  15.375  0.156   1.00 26.10 ? 946 HOH A O   1 
HETATM 766 O O   . HOH B 2 .  ? -11.042 -10.232 -1.225  1.00 25.26 ? 947 HOH A O   1 
HETATM 767 O O   . HOH B 2 .  ? -6.585  -19.366 -5.983  1.00 20.76 ? 948 HOH A O   1 
HETATM 768 O O   . HOH B 2 .  ? 4.958   9.464   -9.406  1.00 16.50 ? 949 HOH A O   1 
HETATM 769 O O   . HOH B 2 .  ? 5.004   -4.767  3.278   1.00 19.70 ? 950 HOH A O   1 
HETATM 770 O O   . HOH B 2 .  ? -7.818  -6.677  8.848   1.00 27.98 ? 951 HOH A O   1 
HETATM 771 O O   . HOH B 2 .  ? 11.919  16.285  -0.815  1.00 27.96 ? 952 HOH A O   1 
HETATM 772 O O   . HOH B 2 .  ? 3.236   13.715  -8.911  1.00 23.79 ? 953 HOH A O   1 
HETATM 773 O O   . HOH B 2 .  ? 8.897   6.658   11.878  1.00 29.93 ? 954 HOH A O   1 
HETATM 774 O O   . HOH B 2 .  ? 8.867   7.852   -8.363  1.00 29.85 ? 955 HOH A O   1 
HETATM 775 O O   . HOH B 2 .  ? -7.522  -16.363 -10.628 1.00 31.50 ? 956 HOH A O   1 
HETATM 776 O O   . HOH B 2 .  ? -11.320 -0.103  -5.238  1.00 37.91 ? 957 HOH A O   1 
HETATM 777 O O   . HOH B 2 .  ? 13.412  11.531  -0.833  1.00 27.28 ? 958 HOH A O   1 
HETATM 778 O O   . HOH B 2 .  ? -9.261  -19.503 -8.013  1.00 27.16 ? 959 HOH A O   1 
HETATM 779 O O   . HOH B 2 .  ? -11.051 8.745   -4.245  1.00 42.89 ? 960 HOH A O   1 
HETATM 780 O O   . HOH B 2 .  ? 8.108   4.164   11.283  1.00 26.45 ? 961 HOH A O   1 
HETATM 781 O O   . HOH B 2 .  ? -11.042 -0.696  8.182   1.00 25.19 ? 962 HOH A O   1 
HETATM 782 O O   . HOH B 2 .  ? 12.956  8.893   -1.071  1.00 17.54 ? 963 HOH A O   1 
HETATM 783 O O   . HOH B 2 .  ? -9.006  -11.862 -1.841  1.00 20.43 ? 964 HOH A O   1 
HETATM 784 O O   . HOH B 2 .  ? -10.718 -7.697  -1.652  1.00 23.81 ? 965 HOH A O   1 
HETATM 785 O O   . HOH B 2 .  ? -2.960  18.849  -1.058  1.00 35.04 ? 966 HOH A O   1 
HETATM 786 O O   . HOH B 2 .  ? -9.276  -2.023  9.238   1.00 27.45 ? 967 HOH A O   1 
HETATM 787 O O   . HOH B 2 .  ? -10.336 7.052   0.166   1.00 36.80 ? 968 HOH A O   1 
HETATM 788 O O   . HOH B 2 .  ? -5.198  -11.994 9.608   1.00 24.75 ? 969 HOH A O   1 
HETATM 789 O O   . HOH B 2 .  ? 4.643   -15.107 2.394   1.00 26.64 ? 970 HOH A O   1 
HETATM 790 O O   . HOH B 2 .  ? 1.014   15.367  -8.977  1.00 31.13 ? 971 HOH A O   1 
HETATM 791 O O   . HOH B 2 .  ? -10.637 3.515   4.563   1.00 33.04 ? 972 HOH A O   1 
HETATM 792 O O   . HOH B 2 .  ? 0.120   8.210   -10.796 1.00 25.64 ? 973 HOH A O   1 
HETATM 793 O O   . HOH B 2 .  ? 3.329   -15.558 7.143   1.00 25.18 ? 974 HOH A O   1 
HETATM 794 O O   . HOH B 2 .  ? -13.506 -2.560  -2.574  1.00 43.33 ? 975 HOH A O   1 
HETATM 795 O O   . HOH B 2 .  ? -4.708  -6.658  8.166   1.00 33.11 ? 976 HOH A O   1 
HETATM 796 O O   . HOH B 2 .  ? -14.559 -7.619  5.615   1.00 53.28 ? 977 HOH A O   1 
HETATM 797 O O   . HOH B 2 .  ? 8.135   -1.867  2.713   1.00 32.39 ? 978 HOH A O   1 
HETATM 798 O O   . HOH B 2 .  ? 9.794   19.115  -0.979  1.00 30.11 ? 979 HOH A O   1 
HETATM 799 O O   . HOH B 2 .  ? -6.357  9.997   -10.976 1.00 35.78 ? 980 HOH A O   1 
HETATM 800 O O   . HOH B 2 .  ? -1.209  -11.280 15.076  1.00 29.66 ? 981 HOH A O   1 
HETATM 801 O O   . HOH B 2 .  ? -8.159  -20.338 -4.224  1.00 42.66 ? 982 HOH A O   1 
# 
loop_
_pdbx_poly_seq_scheme.asym_id 
_pdbx_poly_seq_scheme.entity_id 
_pdbx_poly_seq_scheme.seq_id 
_pdbx_poly_seq_scheme.mon_id 
_pdbx_poly_seq_scheme.ndb_seq_num 
_pdbx_poly_seq_scheme.pdb_seq_num 
_pdbx_poly_seq_scheme.auth_seq_num 
_pdbx_poly_seq_scheme.pdb_mon_id 
_pdbx_poly_seq_scheme.auth_mon_id 
_pdbx_poly_seq_scheme.pdb_strand_id 
_pdbx_poly_seq_scheme.pdb_ins_code 
_pdbx_poly_seq_scheme.hetero 
A 1 1   MET 1   801 801 MET MET A . n 
A 1 2   ARG 2   802 802 ARG ARG A . n 
A 1 3   LEU 3   803 803 LEU LEU A . n 
A 1 4   ASP 4   804 804 ASP ASP A . n 
A 1 5   ALA 5   805 805 ALA ALA A . n 
A 1 6   PRO 6   806 806 PRO PRO A . n 
A 1 7   SER 7   807 807 SER SER A . n 
A 1 8   GLN 8   808 808 GLN GLN A . n 
A 1 9   ILE 9   809 809 ILE ILE A . n 
A 1 10  GLU 10  810 810 GLU GLU A . n 
A 1 11  VAL 11  811 811 VAL VAL A . n 
A 1 12  LYS 12  812 812 LYS LYS A . n 
A 1 13  ASP 13  813 813 ASP ASP A . n 
A 1 14  VAL 14  814 814 VAL VAL A . n 
A 1 15  THR 15  815 815 THR THR A . n 
A 1 16  ASP 16  816 816 ASP ASP A . n 
A 1 17  THR 17  817 817 THR THR A . n 
A 1 18  THR 18  818 818 THR THR A . n 
A 1 19  ALA 19  819 819 ALA ALA A . n 
A 1 20  LEU 20  820 820 LEU LEU A . n 
A 1 21  ILE 21  821 821 ILE ILE A . n 
A 1 22  THR 22  822 822 THR THR A . n 
A 1 23  TRP 23  823 823 TRP TRP A . n 
A 1 24  MET 24  824 824 MET MET A . n 
A 1 25  PRO 25  825 825 PRO PRO A . n 
A 1 26  PRO 26  826 826 PRO PRO A . n 
A 1 27  SER 27  827 827 SER SER A . n 
A 1 28  GLN 28  828 828 GLN GLN A . n 
A 1 29  PRO 29  829 829 PRO PRO A . n 
A 1 30  VAL 30  830 830 VAL VAL A . n 
A 1 31  ASP 31  831 831 ASP ASP A . n 
A 1 32  GLY 32  832 832 GLY GLY A . n 
A 1 33  PHE 33  833 833 PHE PHE A . n 
A 1 34  GLU 34  834 834 GLU GLU A . n 
A 1 35  LEU 35  835 835 LEU LEU A . n 
A 1 36  THR 36  836 836 THR THR A . n 
A 1 37  TYR 37  837 837 TYR TYR A . n 
A 1 38  GLY 38  838 838 GLY GLY A . n 
A 1 39  ILE 39  839 839 ILE ILE A . n 
A 1 40  LYS 40  840 840 LYS LYS A . n 
A 1 41  ASP 41  841 841 ASP ASP A . n 
A 1 42  VAL 42  842 842 VAL VAL A . n 
A 1 43  PRO 43  843 843 PRO PRO A . n 
A 1 44  GLY 44  844 844 GLY GLY A . n 
A 1 45  ASP 45  845 845 ASP ASP A . n 
A 1 46  ARG 46  846 846 ARG ARG A . n 
A 1 47  THR 47  847 847 THR THR A . n 
A 1 48  THR 48  848 848 THR THR A . n 
A 1 49  ILE 49  849 849 ILE ILE A . n 
A 1 50  ASP 50  850 850 ASP ASP A . n 
A 1 51  LEU 51  851 851 LEU LEU A . n 
A 1 52  THR 52  852 852 THR THR A . n 
A 1 53  GLU 53  853 853 GLU GLU A . n 
A 1 54  ASP 54  854 854 ASP ASP A . n 
A 1 55  GLU 55  855 855 GLU GLU A . n 
A 1 56  ASN 56  856 856 ASN ASN A . n 
A 1 57  GLN 57  857 857 GLN GLN A . n 
A 1 58  TYR 58  858 858 TYR TYR A . n 
A 1 59  SER 59  859 859 SER SER A . n 
A 1 60  ILE 60  860 860 ILE ILE A . n 
A 1 61  GLY 61  861 861 GLY GLY A . n 
A 1 62  ASN 62  862 862 ASN ASN A . n 
A 1 63  LEU 63  863 863 LEU LEU A . n 
A 1 64  LYS 64  864 864 LYS LYS A . n 
A 1 65  PRO 65  865 865 PRO PRO A . n 
A 1 66  ASP 66  866 866 ASP ASP A . n 
A 1 67  THR 67  867 867 THR THR A . n 
A 1 68  GLU 68  868 868 GLU GLU A . n 
A 1 69  TYR 69  869 869 TYR TYR A . n 
A 1 70  GLU 70  870 870 GLU GLU A . n 
A 1 71  VAL 71  871 871 VAL VAL A . n 
A 1 72  SER 72  872 872 SER SER A . n 
A 1 73  LEU 73  873 873 LEU LEU A . n 
A 1 74  ILE 74  874 874 ILE ILE A . n 
A 1 75  SER 75  875 875 SER SER A . n 
A 1 76  ARG 76  876 876 ARG ARG A . n 
A 1 77  ARG 77  877 877 ARG ARG A . n 
A 1 78  GLY 78  878 878 GLY GLY A . n 
A 1 79  ASP 79  879 879 ASP ASP A . n 
A 1 80  MET 80  880 880 MET MET A . n 
A 1 81  SER 81  881 881 SER SER A . n 
A 1 82  SER 82  882 882 SER SER A . n 
A 1 83  ASN 83  883 883 ASN ASN A . n 
A 1 84  PRO 84  884 884 PRO PRO A . n 
A 1 85  ALA 85  885 885 ALA ALA A . n 
A 1 86  LYS 86  886 886 LYS LYS A . n 
A 1 87  GLU 87  887 887 GLU GLU A . n 
A 1 88  THR 88  888 888 THR THR A . n 
A 1 89  PHE 89  889 889 PHE PHE A . n 
A 1 90  THR 90  890 890 THR THR A . n 
A 1 91  THR 91  891 891 THR THR A . n 
A 1 92  GLY 92  892 892 GLY GLY A . n 
A 1 93  LEU 93  893 893 LEU LEU A . n 
A 1 94  ALA 94  894 ?   ?   ?   A . n 
A 1 95  ALA 95  895 ?   ?   ?   A . n 
A 1 96  ALA 96  896 ?   ?   ?   A . n 
A 1 97  LEU 97  897 ?   ?   ?   A . n 
A 1 98  GLU 98  898 ?   ?   ?   A . n 
A 1 99  HIS 99  899 ?   ?   ?   A . n 
A 1 100 HIS 100 900 ?   ?   ?   A . n 
A 1 101 HIS 101 901 ?   ?   ?   A . n 
A 1 102 HIS 102 902 ?   ?   ?   A . n 
A 1 103 HIS 103 903 ?   ?   ?   A . n 
A 1 104 HIS 104 904 ?   ?   ?   A . n 
# 
loop_
_pdbx_nonpoly_scheme.asym_id 
_pdbx_nonpoly_scheme.entity_id 
_pdbx_nonpoly_scheme.mon_id 
_pdbx_nonpoly_scheme.ndb_seq_num 
_pdbx_nonpoly_scheme.pdb_seq_num 
_pdbx_nonpoly_scheme.auth_seq_num 
_pdbx_nonpoly_scheme.pdb_mon_id 
_pdbx_nonpoly_scheme.auth_mon_id 
_pdbx_nonpoly_scheme.pdb_strand_id 
_pdbx_nonpoly_scheme.pdb_ins_code 
B 2 HOH 1  905 1  HOH TIP A . 
B 2 HOH 2  906 2  HOH TIP A . 
B 2 HOH 3  907 3  HOH TIP A . 
B 2 HOH 4  908 4  HOH TIP A . 
B 2 HOH 5  909 5  HOH TIP A . 
B 2 HOH 6  910 6  HOH TIP A . 
B 2 HOH 7  911 7  HOH TIP A . 
B 2 HOH 8  912 8  HOH TIP A . 
B 2 HOH 9  913 9  HOH TIP A . 
B 2 HOH 10 914 10 HOH TIP A . 
B 2 HOH 11 915 11 HOH TIP A . 
B 2 HOH 12 916 12 HOH TIP A . 
B 2 HOH 13 917 13 HOH TIP A . 
B 2 HOH 14 918 14 HOH TIP A . 
B 2 HOH 15 919 15 HOH TIP A . 
B 2 HOH 16 920 16 HOH TIP A . 
B 2 HOH 17 921 17 HOH TIP A . 
B 2 HOH 18 922 18 HOH TIP A . 
B 2 HOH 19 923 19 HOH TIP A . 
B 2 HOH 20 924 20 HOH TIP A . 
B 2 HOH 21 925 21 HOH TIP A . 
B 2 HOH 22 926 22 HOH TIP A . 
B 2 HOH 23 927 23 HOH TIP A . 
B 2 HOH 24 928 24 HOH TIP A . 
B 2 HOH 25 929 25 HOH TIP A . 
B 2 HOH 26 930 26 HOH TIP A . 
B 2 HOH 27 931 27 HOH TIP A . 
B 2 HOH 28 932 28 HOH TIP A . 
B 2 HOH 29 933 29 HOH TIP A . 
B 2 HOH 30 934 30 HOH TIP A . 
B 2 HOH 31 935 31 HOH TIP A . 
B 2 HOH 32 936 32 HOH TIP A . 
B 2 HOH 33 937 33 HOH TIP A . 
B 2 HOH 34 938 34 HOH TIP A . 
B 2 HOH 35 939 35 HOH TIP A . 
B 2 HOH 36 940 36 HOH TIP A . 
B 2 HOH 37 941 37 HOH TIP A . 
B 2 HOH 38 942 38 HOH TIP A . 
B 2 HOH 39 943 39 HOH TIP A . 
B 2 HOH 40 944 40 HOH TIP A . 
B 2 HOH 41 945 41 HOH TIP A . 
B 2 HOH 42 946 42 HOH TIP A . 
B 2 HOH 43 947 43 HOH TIP A . 
B 2 HOH 44 948 44 HOH TIP A . 
B 2 HOH 45 949 45 HOH TIP A . 
B 2 HOH 46 950 46 HOH TIP A . 
B 2 HOH 47 951 47 HOH TIP A . 
B 2 HOH 48 952 48 HOH TIP A . 
B 2 HOH 49 953 49 HOH TIP A . 
B 2 HOH 50 954 50 HOH TIP A . 
B 2 HOH 51 955 51 HOH TIP A . 
B 2 HOH 52 956 52 HOH TIP A . 
B 2 HOH 53 957 53 HOH TIP A . 
B 2 HOH 54 958 54 HOH TIP A . 
B 2 HOH 55 959 55 HOH TIP A . 
B 2 HOH 56 960 56 HOH TIP A . 
B 2 HOH 57 961 57 HOH TIP A . 
B 2 HOH 58 962 58 HOH TIP A . 
B 2 HOH 59 963 59 HOH TIP A . 
B 2 HOH 60 964 60 HOH TIP A . 
B 2 HOH 61 965 61 HOH TIP A . 
B 2 HOH 62 966 62 HOH TIP A . 
B 2 HOH 63 967 63 HOH TIP A . 
B 2 HOH 64 968 64 HOH TIP A . 
B 2 HOH 65 969 65 HOH TIP A . 
B 2 HOH 66 970 66 HOH TIP A . 
B 2 HOH 67 971 67 HOH TIP A . 
B 2 HOH 68 972 68 HOH TIP A . 
B 2 HOH 69 973 69 HOH TIP A . 
B 2 HOH 70 974 70 HOH TIP A . 
B 2 HOH 71 975 71 HOH TIP A . 
B 2 HOH 72 976 72 HOH TIP A . 
B 2 HOH 73 977 73 HOH TIP A . 
B 2 HOH 74 978 74 HOH TIP A . 
B 2 HOH 75 979 75 HOH TIP A . 
B 2 HOH 76 980 76 HOH TIP A . 
B 2 HOH 77 981 77 HOH TIP A . 
B 2 HOH 78 982 78 HOH TIP A . 
# 
_pdbx_struct_assembly.id                   1 
_pdbx_struct_assembly.details              author_and_software_defined_assembly 
_pdbx_struct_assembly.method_details       PISA 
_pdbx_struct_assembly.oligomeric_details   monomeric 
_pdbx_struct_assembly.oligomeric_count     1 
# 
_pdbx_struct_assembly_gen.assembly_id       1 
_pdbx_struct_assembly_gen.oper_expression   1 
_pdbx_struct_assembly_gen.asym_id_list      A,B 
# 
_pdbx_struct_oper_list.id                   1 
_pdbx_struct_oper_list.type                 'identity operation' 
_pdbx_struct_oper_list.name                 1_555 
_pdbx_struct_oper_list.symmetry_operation   x,y,z 
_pdbx_struct_oper_list.matrix[1][1]         1.0000000000 
_pdbx_struct_oper_list.matrix[1][2]         0.0000000000 
_pdbx_struct_oper_list.matrix[1][3]         0.0000000000 
_pdbx_struct_oper_list.vector[1]            0.0000000000 
_pdbx_struct_oper_list.matrix[2][1]         0.0000000000 
_pdbx_struct_oper_list.matrix[2][2]         1.0000000000 
_pdbx_struct_oper_list.matrix[2][3]         0.0000000000 
_pdbx_struct_oper_list.vector[2]            0.0000000000 
_pdbx_struct_oper_list.matrix[3][1]         0.0000000000 
_pdbx_struct_oper_list.matrix[3][2]         0.0000000000 
_pdbx_struct_oper_list.matrix[3][3]         1.0000000000 
_pdbx_struct_oper_list.vector[3]            0.0000000000 
# 
loop_
_pdbx_audit_revision_history.ordinal 
_pdbx_audit_revision_history.data_content_type 
_pdbx_audit_revision_history.major_revision 
_pdbx_audit_revision_history.minor_revision 
_pdbx_audit_revision_history.revision_date 
1 'Structure model' 1 0 2007-11-20 
2 'Structure model' 1 1 2011-07-13 
3 'Structure model' 1 2 2021-10-20 
4 'Structure model' 1 3 2023-08-30 
# 
_pdbx_audit_revision_details.ordinal             1 
_pdbx_audit_revision_details.revision_ordinal    1 
_pdbx_audit_revision_details.data_content_type   'Structure model' 
_pdbx_audit_revision_details.provider            repository 
_pdbx_audit_revision_details.type                'Initial release' 
_pdbx_audit_revision_details.description         ? 
_pdbx_audit_revision_details.details             ? 
# 
loop_
_pdbx_audit_revision_group.ordinal 
_pdbx_audit_revision_group.revision_ordinal 
_pdbx_audit_revision_group.data_content_type 
_pdbx_audit_revision_group.group 
1 2 'Structure model' 'Version format compliance' 
2 3 'Structure model' 'Database references'       
3 4 'Structure model' 'Data collection'           
4 4 'Structure model' 'Refinement description'    
# 
loop_
_pdbx_audit_revision_category.ordinal 
_pdbx_audit_revision_category.revision_ordinal 
_pdbx_audit_revision_category.data_content_type 
_pdbx_audit_revision_category.category 
1 3 'Structure model' database_2                    
2 3 'Structure model' struct_ref_seq_dif            
3 4 'Structure model' chem_comp_atom                
4 4 'Structure model' chem_comp_bond                
5 4 'Structure model' pdbx_initial_refinement_model 
# 
loop_
_pdbx_audit_revision_item.ordinal 
_pdbx_audit_revision_item.revision_ordinal 
_pdbx_audit_revision_item.data_content_type 
_pdbx_audit_revision_item.item 
1 3 'Structure model' '_database_2.pdbx_DOI'                
2 3 'Structure model' '_database_2.pdbx_database_accession' 
3 3 'Structure model' '_struct_ref_seq_dif.details'         
# 
loop_
_software.name 
_software.classification 
_software.version 
_software.citation_id 
_software.pdbx_ordinal 
ADSC     'data collection' Quantum ? 1 
AMoRE    phasing           .       ? 2 
CNS      refinement        1.1     ? 3 
HKL-2000 'data reduction'  .       ? 4 
HKL-2000 'data scaling'    .       ? 5 
# 
_pdbx_validate_symm_contact.id                1 
_pdbx_validate_symm_contact.PDB_model_num     1 
_pdbx_validate_symm_contact.auth_atom_id_1    NZ 
_pdbx_validate_symm_contact.auth_asym_id_1    A 
_pdbx_validate_symm_contact.auth_comp_id_1    LYS 
_pdbx_validate_symm_contact.auth_seq_id_1     864 
_pdbx_validate_symm_contact.PDB_ins_code_1    ? 
_pdbx_validate_symm_contact.label_alt_id_1    ? 
_pdbx_validate_symm_contact.site_symmetry_1   1_555 
_pdbx_validate_symm_contact.auth_atom_id_2    NZ 
_pdbx_validate_symm_contact.auth_asym_id_2    A 
_pdbx_validate_symm_contact.auth_comp_id_2    LYS 
_pdbx_validate_symm_contact.auth_seq_id_2     864 
_pdbx_validate_symm_contact.PDB_ins_code_2    ? 
_pdbx_validate_symm_contact.label_alt_id_2    ? 
_pdbx_validate_symm_contact.site_symmetry_2   4_646 
_pdbx_validate_symm_contact.dist              1.85 
# 
loop_
_pdbx_validate_torsion.id 
_pdbx_validate_torsion.PDB_model_num 
_pdbx_validate_torsion.auth_comp_id 
_pdbx_validate_torsion.auth_asym_id 
_pdbx_validate_torsion.auth_seq_id 
_pdbx_validate_torsion.PDB_ins_code 
_pdbx_validate_torsion.label_alt_id 
_pdbx_validate_torsion.phi 
_pdbx_validate_torsion.psi 
1 1 THR A 815 ? ? -112.55 -161.48 
2 1 ASP A 866 ? ? 39.59   56.85   
3 1 ASP A 879 ? ? 70.64   -6.44   
# 
loop_
_pdbx_unobs_or_zero_occ_residues.id 
_pdbx_unobs_or_zero_occ_residues.PDB_model_num 
_pdbx_unobs_or_zero_occ_residues.polymer_flag 
_pdbx_unobs_or_zero_occ_residues.occupancy_flag 
_pdbx_unobs_or_zero_occ_residues.auth_asym_id 
_pdbx_unobs_or_zero_occ_residues.auth_comp_id 
_pdbx_unobs_or_zero_occ_residues.auth_seq_id 
_pdbx_unobs_or_zero_occ_residues.PDB_ins_code 
_pdbx_unobs_or_zero_occ_residues.label_asym_id 
_pdbx_unobs_or_zero_occ_residues.label_comp_id 
_pdbx_unobs_or_zero_occ_residues.label_seq_id 
1  1 Y 1 A ALA 894 ? A ALA 94  
2  1 Y 1 A ALA 895 ? A ALA 95  
3  1 Y 1 A ALA 896 ? A ALA 96  
4  1 Y 1 A LEU 897 ? A LEU 97  
5  1 Y 1 A GLU 898 ? A GLU 98  
6  1 Y 1 A HIS 899 ? A HIS 99  
7  1 Y 1 A HIS 900 ? A HIS 100 
8  1 Y 1 A HIS 901 ? A HIS 101 
9  1 Y 1 A HIS 902 ? A HIS 102 
10 1 Y 1 A HIS 903 ? A HIS 103 
11 1 Y 1 A HIS 904 ? A HIS 104 
# 
loop_
_chem_comp_atom.comp_id 
_chem_comp_atom.atom_id 
_chem_comp_atom.type_symbol 
_chem_comp_atom.pdbx_aromatic_flag 
_chem_comp_atom.pdbx_stereo_config 
_chem_comp_atom.pdbx_ordinal 
ALA N    N N N 1   
ALA CA   C N S 2   
ALA C    C N N 3   
ALA O    O N N 4   
ALA CB   C N N 5   
ALA OXT  O N N 6   
ALA H    H N N 7   
ALA H2   H N N 8   
ALA HA   H N N 9   
ALA HB1  H N N 10  
ALA HB2  H N N 11  
ALA HB3  H N N 12  
ALA HXT  H N N 13  
ARG N    N N N 14  
ARG CA   C N S 15  
ARG C    C N N 16  
ARG O    O N N 17  
ARG CB   C N N 18  
ARG CG   C N N 19  
ARG CD   C N N 20  
ARG NE   N N N 21  
ARG CZ   C N N 22  
ARG NH1  N N N 23  
ARG NH2  N N N 24  
ARG OXT  O N N 25  
ARG H    H N N 26  
ARG H2   H N N 27  
ARG HA   H N N 28  
ARG HB2  H N N 29  
ARG HB3  H N N 30  
ARG HG2  H N N 31  
ARG HG3  H N N 32  
ARG HD2  H N N 33  
ARG HD3  H N N 34  
ARG HE   H N N 35  
ARG HH11 H N N 36  
ARG HH12 H N N 37  
ARG HH21 H N N 38  
ARG HH22 H N N 39  
ARG HXT  H N N 40  
ASN N    N N N 41  
ASN CA   C N S 42  
ASN C    C N N 43  
ASN O    O N N 44  
ASN CB   C N N 45  
ASN CG   C N N 46  
ASN OD1  O N N 47  
ASN ND2  N N N 48  
ASN OXT  O N N 49  
ASN H    H N N 50  
ASN H2   H N N 51  
ASN HA   H N N 52  
ASN HB2  H N N 53  
ASN HB3  H N N 54  
ASN HD21 H N N 55  
ASN HD22 H N N 56  
ASN HXT  H N N 57  
ASP N    N N N 58  
ASP CA   C N S 59  
ASP C    C N N 60  
ASP O    O N N 61  
ASP CB   C N N 62  
ASP CG   C N N 63  
ASP OD1  O N N 64  
ASP OD2  O N N 65  
ASP OXT  O N N 66  
ASP H    H N N 67  
ASP H2   H N N 68  
ASP HA   H N N 69  
ASP HB2  H N N 70  
ASP HB3  H N N 71  
ASP HD2  H N N 72  
ASP HXT  H N N 73  
GLN N    N N N 74  
GLN CA   C N S 75  
GLN C    C N N 76  
GLN O    O N N 77  
GLN CB   C N N 78  
GLN CG   C N N 79  
GLN CD   C N N 80  
GLN OE1  O N N 81  
GLN NE2  N N N 82  
GLN OXT  O N N 83  
GLN H    H N N 84  
GLN H2   H N N 85  
GLN HA   H N N 86  
GLN HB2  H N N 87  
GLN HB3  H N N 88  
GLN HG2  H N N 89  
GLN HG3  H N N 90  
GLN HE21 H N N 91  
GLN HE22 H N N 92  
GLN HXT  H N N 93  
GLU N    N N N 94  
GLU CA   C N S 95  
GLU C    C N N 96  
GLU O    O N N 97  
GLU CB   C N N 98  
GLU CG   C N N 99  
GLU CD   C N N 100 
GLU OE1  O N N 101 
GLU OE2  O N N 102 
GLU OXT  O N N 103 
GLU H    H N N 104 
GLU H2   H N N 105 
GLU HA   H N N 106 
GLU HB2  H N N 107 
GLU HB3  H N N 108 
GLU HG2  H N N 109 
GLU HG3  H N N 110 
GLU HE2  H N N 111 
GLU HXT  H N N 112 
GLY N    N N N 113 
GLY CA   C N N 114 
GLY C    C N N 115 
GLY O    O N N 116 
GLY OXT  O N N 117 
GLY H    H N N 118 
GLY H2   H N N 119 
GLY HA2  H N N 120 
GLY HA3  H N N 121 
GLY HXT  H N N 122 
HIS N    N N N 123 
HIS CA   C N S 124 
HIS C    C N N 125 
HIS O    O N N 126 
HIS CB   C N N 127 
HIS CG   C Y N 128 
HIS ND1  N Y N 129 
HIS CD2  C Y N 130 
HIS CE1  C Y N 131 
HIS NE2  N Y N 132 
HIS OXT  O N N 133 
HIS H    H N N 134 
HIS H2   H N N 135 
HIS HA   H N N 136 
HIS HB2  H N N 137 
HIS HB3  H N N 138 
HIS HD1  H N N 139 
HIS HD2  H N N 140 
HIS HE1  H N N 141 
HIS HE2  H N N 142 
HIS HXT  H N N 143 
HOH O    O N N 144 
HOH H1   H N N 145 
HOH H2   H N N 146 
ILE N    N N N 147 
ILE CA   C N S 148 
ILE C    C N N 149 
ILE O    O N N 150 
ILE CB   C N S 151 
ILE CG1  C N N 152 
ILE CG2  C N N 153 
ILE CD1  C N N 154 
ILE OXT  O N N 155 
ILE H    H N N 156 
ILE H2   H N N 157 
ILE HA   H N N 158 
ILE HB   H N N 159 
ILE HG12 H N N 160 
ILE HG13 H N N 161 
ILE HG21 H N N 162 
ILE HG22 H N N 163 
ILE HG23 H N N 164 
ILE HD11 H N N 165 
ILE HD12 H N N 166 
ILE HD13 H N N 167 
ILE HXT  H N N 168 
LEU N    N N N 169 
LEU CA   C N S 170 
LEU C    C N N 171 
LEU O    O N N 172 
LEU CB   C N N 173 
LEU CG   C N N 174 
LEU CD1  C N N 175 
LEU CD2  C N N 176 
LEU OXT  O N N 177 
LEU H    H N N 178 
LEU H2   H N N 179 
LEU HA   H N N 180 
LEU HB2  H N N 181 
LEU HB3  H N N 182 
LEU HG   H N N 183 
LEU HD11 H N N 184 
LEU HD12 H N N 185 
LEU HD13 H N N 186 
LEU HD21 H N N 187 
LEU HD22 H N N 188 
LEU HD23 H N N 189 
LEU HXT  H N N 190 
LYS N    N N N 191 
LYS CA   C N S 192 
LYS C    C N N 193 
LYS O    O N N 194 
LYS CB   C N N 195 
LYS CG   C N N 196 
LYS CD   C N N 197 
LYS CE   C N N 198 
LYS NZ   N N N 199 
LYS OXT  O N N 200 
LYS H    H N N 201 
LYS H2   H N N 202 
LYS HA   H N N 203 
LYS HB2  H N N 204 
LYS HB3  H N N 205 
LYS HG2  H N N 206 
LYS HG3  H N N 207 
LYS HD2  H N N 208 
LYS HD3  H N N 209 
LYS HE2  H N N 210 
LYS HE3  H N N 211 
LYS HZ1  H N N 212 
LYS HZ2  H N N 213 
LYS HZ3  H N N 214 
LYS HXT  H N N 215 
MET N    N N N 216 
MET CA   C N S 217 
MET C    C N N 218 
MET O    O N N 219 
MET CB   C N N 220 
MET CG   C N N 221 
MET SD   S N N 222 
MET CE   C N N 223 
MET OXT  O N N 224 
MET H    H N N 225 
MET H2   H N N 226 
MET HA   H N N 227 
MET HB2  H N N 228 
MET HB3  H N N 229 
MET HG2  H N N 230 
MET HG3  H N N 231 
MET HE1  H N N 232 
MET HE2  H N N 233 
MET HE3  H N N 234 
MET HXT  H N N 235 
PHE N    N N N 236 
PHE CA   C N S 237 
PHE C    C N N 238 
PHE O    O N N 239 
PHE CB   C N N 240 
PHE CG   C Y N 241 
PHE CD1  C Y N 242 
PHE CD2  C Y N 243 
PHE CE1  C Y N 244 
PHE CE2  C Y N 245 
PHE CZ   C Y N 246 
PHE OXT  O N N 247 
PHE H    H N N 248 
PHE H2   H N N 249 
PHE HA   H N N 250 
PHE HB2  H N N 251 
PHE HB3  H N N 252 
PHE HD1  H N N 253 
PHE HD2  H N N 254 
PHE HE1  H N N 255 
PHE HE2  H N N 256 
PHE HZ   H N N 257 
PHE HXT  H N N 258 
PRO N    N N N 259 
PRO CA   C N S 260 
PRO C    C N N 261 
PRO O    O N N 262 
PRO CB   C N N 263 
PRO CG   C N N 264 
PRO CD   C N N 265 
PRO OXT  O N N 266 
PRO H    H N N 267 
PRO HA   H N N 268 
PRO HB2  H N N 269 
PRO HB3  H N N 270 
PRO HG2  H N N 271 
PRO HG3  H N N 272 
PRO HD2  H N N 273 
PRO HD3  H N N 274 
PRO HXT  H N N 275 
SER N    N N N 276 
SER CA   C N S 277 
SER C    C N N 278 
SER O    O N N 279 
SER CB   C N N 280 
SER OG   O N N 281 
SER OXT  O N N 282 
SER H    H N N 283 
SER H2   H N N 284 
SER HA   H N N 285 
SER HB2  H N N 286 
SER HB3  H N N 287 
SER HG   H N N 288 
SER HXT  H N N 289 
THR N    N N N 290 
THR CA   C N S 291 
THR C    C N N 292 
THR O    O N N 293 
THR CB   C N R 294 
THR OG1  O N N 295 
THR CG2  C N N 296 
THR OXT  O N N 297 
THR H    H N N 298 
THR H2   H N N 299 
THR HA   H N N 300 
THR HB   H N N 301 
THR HG1  H N N 302 
THR HG21 H N N 303 
THR HG22 H N N 304 
THR HG23 H N N 305 
THR HXT  H N N 306 
TRP N    N N N 307 
TRP CA   C N S 308 
TRP C    C N N 309 
TRP O    O N N 310 
TRP CB   C N N 311 
TRP CG   C Y N 312 
TRP CD1  C Y N 313 
TRP CD2  C Y N 314 
TRP NE1  N Y N 315 
TRP CE2  C Y N 316 
TRP CE3  C Y N 317 
TRP CZ2  C Y N 318 
TRP CZ3  C Y N 319 
TRP CH2  C Y N 320 
TRP OXT  O N N 321 
TRP H    H N N 322 
TRP H2   H N N 323 
TRP HA   H N N 324 
TRP HB2  H N N 325 
TRP HB3  H N N 326 
TRP HD1  H N N 327 
TRP HE1  H N N 328 
TRP HE3  H N N 329 
TRP HZ2  H N N 330 
TRP HZ3  H N N 331 
TRP HH2  H N N 332 
TRP HXT  H N N 333 
TYR N    N N N 334 
TYR CA   C N S 335 
TYR C    C N N 336 
TYR O    O N N 337 
TYR CB   C N N 338 
TYR CG   C Y N 339 
TYR CD1  C Y N 340 
TYR CD2  C Y N 341 
TYR CE1  C Y N 342 
TYR CE2  C Y N 343 
TYR CZ   C Y N 344 
TYR OH   O N N 345 
TYR OXT  O N N 346 
TYR H    H N N 347 
TYR H2   H N N 348 
TYR HA   H N N 349 
TYR HB2  H N N 350 
TYR HB3  H N N 351 
TYR HD1  H N N 352 
TYR HD2  H N N 353 
TYR HE1  H N N 354 
TYR HE2  H N N 355 
TYR HH   H N N 356 
TYR HXT  H N N 357 
VAL N    N N N 358 
VAL CA   C N S 359 
VAL C    C N N 360 
VAL O    O N N 361 
VAL CB   C N N 362 
VAL CG1  C N N 363 
VAL CG2  C N N 364 
VAL OXT  O N N 365 
VAL H    H N N 366 
VAL H2   H N N 367 
VAL HA   H N N 368 
VAL HB   H N N 369 
VAL HG11 H N N 370 
VAL HG12 H N N 371 
VAL HG13 H N N 372 
VAL HG21 H N N 373 
VAL HG22 H N N 374 
VAL HG23 H N N 375 
VAL HXT  H N N 376 
# 
loop_
_chem_comp_bond.comp_id 
_chem_comp_bond.atom_id_1 
_chem_comp_bond.atom_id_2 
_chem_comp_bond.value_order 
_chem_comp_bond.pdbx_aromatic_flag 
_chem_comp_bond.pdbx_stereo_config 
_chem_comp_bond.pdbx_ordinal 
ALA N   CA   sing N N 1   
ALA N   H    sing N N 2   
ALA N   H2   sing N N 3   
ALA CA  C    sing N N 4   
ALA CA  CB   sing N N 5   
ALA CA  HA   sing N N 6   
ALA C   O    doub N N 7   
ALA C   OXT  sing N N 8   
ALA CB  HB1  sing N N 9   
ALA CB  HB2  sing N N 10  
ALA CB  HB3  sing N N 11  
ALA OXT HXT  sing N N 12  
ARG N   CA   sing N N 13  
ARG N   H    sing N N 14  
ARG N   H2   sing N N 15  
ARG CA  C    sing N N 16  
ARG CA  CB   sing N N 17  
ARG CA  HA   sing N N 18  
ARG C   O    doub N N 19  
ARG C   OXT  sing N N 20  
ARG CB  CG   sing N N 21  
ARG CB  HB2  sing N N 22  
ARG CB  HB3  sing N N 23  
ARG CG  CD   sing N N 24  
ARG CG  HG2  sing N N 25  
ARG CG  HG3  sing N N 26  
ARG CD  NE   sing N N 27  
ARG CD  HD2  sing N N 28  
ARG CD  HD3  sing N N 29  
ARG NE  CZ   sing N N 30  
ARG NE  HE   sing N N 31  
ARG CZ  NH1  sing N N 32  
ARG CZ  NH2  doub N N 33  
ARG NH1 HH11 sing N N 34  
ARG NH1 HH12 sing N N 35  
ARG NH2 HH21 sing N N 36  
ARG NH2 HH22 sing N N 37  
ARG OXT HXT  sing N N 38  
ASN N   CA   sing N N 39  
ASN N   H    sing N N 40  
ASN N   H2   sing N N 41  
ASN CA  C    sing N N 42  
ASN CA  CB   sing N N 43  
ASN CA  HA   sing N N 44  
ASN C   O    doub N N 45  
ASN C   OXT  sing N N 46  
ASN CB  CG   sing N N 47  
ASN CB  HB2  sing N N 48  
ASN CB  HB3  sing N N 49  
ASN CG  OD1  doub N N 50  
ASN CG  ND2  sing N N 51  
ASN ND2 HD21 sing N N 52  
ASN ND2 HD22 sing N N 53  
ASN OXT HXT  sing N N 54  
ASP N   CA   sing N N 55  
ASP N   H    sing N N 56  
ASP N   H2   sing N N 57  
ASP CA  C    sing N N 58  
ASP CA  CB   sing N N 59  
ASP CA  HA   sing N N 60  
ASP C   O    doub N N 61  
ASP C   OXT  sing N N 62  
ASP CB  CG   sing N N 63  
ASP CB  HB2  sing N N 64  
ASP CB  HB3  sing N N 65  
ASP CG  OD1  doub N N 66  
ASP CG  OD2  sing N N 67  
ASP OD2 HD2  sing N N 68  
ASP OXT HXT  sing N N 69  
GLN N   CA   sing N N 70  
GLN N   H    sing N N 71  
GLN N   H2   sing N N 72  
GLN CA  C    sing N N 73  
GLN CA  CB   sing N N 74  
GLN CA  HA   sing N N 75  
GLN C   O    doub N N 76  
GLN C   OXT  sing N N 77  
GLN CB  CG   sing N N 78  
GLN CB  HB2  sing N N 79  
GLN CB  HB3  sing N N 80  
GLN CG  CD   sing N N 81  
GLN CG  HG2  sing N N 82  
GLN CG  HG3  sing N N 83  
GLN CD  OE1  doub N N 84  
GLN CD  NE2  sing N N 85  
GLN NE2 HE21 sing N N 86  
GLN NE2 HE22 sing N N 87  
GLN OXT HXT  sing N N 88  
GLU N   CA   sing N N 89  
GLU N   H    sing N N 90  
GLU N   H2   sing N N 91  
GLU CA  C    sing N N 92  
GLU CA  CB   sing N N 93  
GLU CA  HA   sing N N 94  
GLU C   O    doub N N 95  
GLU C   OXT  sing N N 96  
GLU CB  CG   sing N N 97  
GLU CB  HB2  sing N N 98  
GLU CB  HB3  sing N N 99  
GLU CG  CD   sing N N 100 
GLU CG  HG2  sing N N 101 
GLU CG  HG3  sing N N 102 
GLU CD  OE1  doub N N 103 
GLU CD  OE2  sing N N 104 
GLU OE2 HE2  sing N N 105 
GLU OXT HXT  sing N N 106 
GLY N   CA   sing N N 107 
GLY N   H    sing N N 108 
GLY N   H2   sing N N 109 
GLY CA  C    sing N N 110 
GLY CA  HA2  sing N N 111 
GLY CA  HA3  sing N N 112 
GLY C   O    doub N N 113 
GLY C   OXT  sing N N 114 
GLY OXT HXT  sing N N 115 
HIS N   CA   sing N N 116 
HIS N   H    sing N N 117 
HIS N   H2   sing N N 118 
HIS CA  C    sing N N 119 
HIS CA  CB   sing N N 120 
HIS CA  HA   sing N N 121 
HIS C   O    doub N N 122 
HIS C   OXT  sing N N 123 
HIS CB  CG   sing N N 124 
HIS CB  HB2  sing N N 125 
HIS CB  HB3  sing N N 126 
HIS CG  ND1  sing Y N 127 
HIS CG  CD2  doub Y N 128 
HIS ND1 CE1  doub Y N 129 
HIS ND1 HD1  sing N N 130 
HIS CD2 NE2  sing Y N 131 
HIS CD2 HD2  sing N N 132 
HIS CE1 NE2  sing Y N 133 
HIS CE1 HE1  sing N N 134 
HIS NE2 HE2  sing N N 135 
HIS OXT HXT  sing N N 136 
HOH O   H1   sing N N 137 
HOH O   H2   sing N N 138 
ILE N   CA   sing N N 139 
ILE N   H    sing N N 140 
ILE N   H2   sing N N 141 
ILE CA  C    sing N N 142 
ILE CA  CB   sing N N 143 
ILE CA  HA   sing N N 144 
ILE C   O    doub N N 145 
ILE C   OXT  sing N N 146 
ILE CB  CG1  sing N N 147 
ILE CB  CG2  sing N N 148 
ILE CB  HB   sing N N 149 
ILE CG1 CD1  sing N N 150 
ILE CG1 HG12 sing N N 151 
ILE CG1 HG13 sing N N 152 
ILE CG2 HG21 sing N N 153 
ILE CG2 HG22 sing N N 154 
ILE CG2 HG23 sing N N 155 
ILE CD1 HD11 sing N N 156 
ILE CD1 HD12 sing N N 157 
ILE CD1 HD13 sing N N 158 
ILE OXT HXT  sing N N 159 
LEU N   CA   sing N N 160 
LEU N   H    sing N N 161 
LEU N   H2   sing N N 162 
LEU CA  C    sing N N 163 
LEU CA  CB   sing N N 164 
LEU CA  HA   sing N N 165 
LEU C   O    doub N N 166 
LEU C   OXT  sing N N 167 
LEU CB  CG   sing N N 168 
LEU CB  HB2  sing N N 169 
LEU CB  HB3  sing N N 170 
LEU CG  CD1  sing N N 171 
LEU CG  CD2  sing N N 172 
LEU CG  HG   sing N N 173 
LEU CD1 HD11 sing N N 174 
LEU CD1 HD12 sing N N 175 
LEU CD1 HD13 sing N N 176 
LEU CD2 HD21 sing N N 177 
LEU CD2 HD22 sing N N 178 
LEU CD2 HD23 sing N N 179 
LEU OXT HXT  sing N N 180 
LYS N   CA   sing N N 181 
LYS N   H    sing N N 182 
LYS N   H2   sing N N 183 
LYS CA  C    sing N N 184 
LYS CA  CB   sing N N 185 
LYS CA  HA   sing N N 186 
LYS C   O    doub N N 187 
LYS C   OXT  sing N N 188 
LYS CB  CG   sing N N 189 
LYS CB  HB2  sing N N 190 
LYS CB  HB3  sing N N 191 
LYS CG  CD   sing N N 192 
LYS CG  HG2  sing N N 193 
LYS CG  HG3  sing N N 194 
LYS CD  CE   sing N N 195 
LYS CD  HD2  sing N N 196 
LYS CD  HD3  sing N N 197 
LYS CE  NZ   sing N N 198 
LYS CE  HE2  sing N N 199 
LYS CE  HE3  sing N N 200 
LYS NZ  HZ1  sing N N 201 
LYS NZ  HZ2  sing N N 202 
LYS NZ  HZ3  sing N N 203 
LYS OXT HXT  sing N N 204 
MET N   CA   sing N N 205 
MET N   H    sing N N 206 
MET N   H2   sing N N 207 
MET CA  C    sing N N 208 
MET CA  CB   sing N N 209 
MET CA  HA   sing N N 210 
MET C   O    doub N N 211 
MET C   OXT  sing N N 212 
MET CB  CG   sing N N 213 
MET CB  HB2  sing N N 214 
MET CB  HB3  sing N N 215 
MET CG  SD   sing N N 216 
MET CG  HG2  sing N N 217 
MET CG  HG3  sing N N 218 
MET SD  CE   sing N N 219 
MET CE  HE1  sing N N 220 
MET CE  HE2  sing N N 221 
MET CE  HE3  sing N N 222 
MET OXT HXT  sing N N 223 
PHE N   CA   sing N N 224 
PHE N   H    sing N N 225 
PHE N   H2   sing N N 226 
PHE CA  C    sing N N 227 
PHE CA  CB   sing N N 228 
PHE CA  HA   sing N N 229 
PHE C   O    doub N N 230 
PHE C   OXT  sing N N 231 
PHE CB  CG   sing N N 232 
PHE CB  HB2  sing N N 233 
PHE CB  HB3  sing N N 234 
PHE CG  CD1  doub Y N 235 
PHE CG  CD2  sing Y N 236 
PHE CD1 CE1  sing Y N 237 
PHE CD1 HD1  sing N N 238 
PHE CD2 CE2  doub Y N 239 
PHE CD2 HD2  sing N N 240 
PHE CE1 CZ   doub Y N 241 
PHE CE1 HE1  sing N N 242 
PHE CE2 CZ   sing Y N 243 
PHE CE2 HE2  sing N N 244 
PHE CZ  HZ   sing N N 245 
PHE OXT HXT  sing N N 246 
PRO N   CA   sing N N 247 
PRO N   CD   sing N N 248 
PRO N   H    sing N N 249 
PRO CA  C    sing N N 250 
PRO CA  CB   sing N N 251 
PRO CA  HA   sing N N 252 
PRO C   O    doub N N 253 
PRO C   OXT  sing N N 254 
PRO CB  CG   sing N N 255 
PRO CB  HB2  sing N N 256 
PRO CB  HB3  sing N N 257 
PRO CG  CD   sing N N 258 
PRO CG  HG2  sing N N 259 
PRO CG  HG3  sing N N 260 
PRO CD  HD2  sing N N 261 
PRO CD  HD3  sing N N 262 
PRO OXT HXT  sing N N 263 
SER N   CA   sing N N 264 
SER N   H    sing N N 265 
SER N   H2   sing N N 266 
SER CA  C    sing N N 267 
SER CA  CB   sing N N 268 
SER CA  HA   sing N N 269 
SER C   O    doub N N 270 
SER C   OXT  sing N N 271 
SER CB  OG   sing N N 272 
SER CB  HB2  sing N N 273 
SER CB  HB3  sing N N 274 
SER OG  HG   sing N N 275 
SER OXT HXT  sing N N 276 
THR N   CA   sing N N 277 
THR N   H    sing N N 278 
THR N   H2   sing N N 279 
THR CA  C    sing N N 280 
THR CA  CB   sing N N 281 
THR CA  HA   sing N N 282 
THR C   O    doub N N 283 
THR C   OXT  sing N N 284 
THR CB  OG1  sing N N 285 
THR CB  CG2  sing N N 286 
THR CB  HB   sing N N 287 
THR OG1 HG1  sing N N 288 
THR CG2 HG21 sing N N 289 
THR CG2 HG22 sing N N 290 
THR CG2 HG23 sing N N 291 
THR OXT HXT  sing N N 292 
TRP N   CA   sing N N 293 
TRP N   H    sing N N 294 
TRP N   H2   sing N N 295 
TRP CA  C    sing N N 296 
TRP CA  CB   sing N N 297 
TRP CA  HA   sing N N 298 
TRP C   O    doub N N 299 
TRP C   OXT  sing N N 300 
TRP CB  CG   sing N N 301 
TRP CB  HB2  sing N N 302 
TRP CB  HB3  sing N N 303 
TRP CG  CD1  doub Y N 304 
TRP CG  CD2  sing Y N 305 
TRP CD1 NE1  sing Y N 306 
TRP CD1 HD1  sing N N 307 
TRP CD2 CE2  doub Y N 308 
TRP CD2 CE3  sing Y N 309 
TRP NE1 CE2  sing Y N 310 
TRP NE1 HE1  sing N N 311 
TRP CE2 CZ2  sing Y N 312 
TRP CE3 CZ3  doub Y N 313 
TRP CE3 HE3  sing N N 314 
TRP CZ2 CH2  doub Y N 315 
TRP CZ2 HZ2  sing N N 316 
TRP CZ3 CH2  sing Y N 317 
TRP CZ3 HZ3  sing N N 318 
TRP CH2 HH2  sing N N 319 
TRP OXT HXT  sing N N 320 
TYR N   CA   sing N N 321 
TYR N   H    sing N N 322 
TYR N   H2   sing N N 323 
TYR CA  C    sing N N 324 
TYR CA  CB   sing N N 325 
TYR CA  HA   sing N N 326 
TYR C   O    doub N N 327 
TYR C   OXT  sing N N 328 
TYR CB  CG   sing N N 329 
TYR CB  HB2  sing N N 330 
TYR CB  HB3  sing N N 331 
TYR CG  CD1  doub Y N 332 
TYR CG  CD2  sing Y N 333 
TYR CD1 CE1  sing Y N 334 
TYR CD1 HD1  sing N N 335 
TYR CD2 CE2  doub Y N 336 
TYR CD2 HD2  sing N N 337 
TYR CE1 CZ   doub Y N 338 
TYR CE1 HE1  sing N N 339 
TYR CE2 CZ   sing Y N 340 
TYR CE2 HE2  sing N N 341 
TYR CZ  OH   sing N N 342 
TYR OH  HH   sing N N 343 
TYR OXT HXT  sing N N 344 
VAL N   CA   sing N N 345 
VAL N   H    sing N N 346 
VAL N   H2   sing N N 347 
VAL CA  C    sing N N 348 
VAL CA  CB   sing N N 349 
VAL CA  HA   sing N N 350 
VAL C   O    doub N N 351 
VAL C   OXT  sing N N 352 
VAL CB  CG1  sing N N 353 
VAL CB  CG2  sing N N 354 
VAL CB  HB   sing N N 355 
VAL CG1 HG11 sing N N 356 
VAL CG1 HG12 sing N N 357 
VAL CG1 HG13 sing N N 358 
VAL CG2 HG21 sing N N 359 
VAL CG2 HG22 sing N N 360 
VAL CG2 HG23 sing N N 361 
VAL OXT HXT  sing N N 362 
# 
_pdbx_entity_nonpoly.entity_id   2 
_pdbx_entity_nonpoly.name        water 
_pdbx_entity_nonpoly.comp_id     HOH 
# 
_pdbx_initial_refinement_model.id               1 
_pdbx_initial_refinement_model.entity_id_list   ? 
_pdbx_initial_refinement_model.type             'experimental model' 
_pdbx_initial_refinement_model.source_name      PDB 
_pdbx_initial_refinement_model.accession_code   1TEN 
_pdbx_initial_refinement_model.details          'pdb entry 1ten' 
# 
